data_6W52
#
_entry.id   6W52
#
_cell.length_a   190.298
_cell.length_b   190.298
_cell.length_c   190.298
_cell.angle_alpha   90.000
_cell.angle_beta   90.000
_cell.angle_gamma   90.000
#
_symmetry.space_group_name_H-M   'I 21 3'
#
loop_
_entity.id
_entity.type
_entity.pdbx_description
1 polymer 'Fusion glycoprotein F0'
2 polymer 'Fusion glycoprotein F1 fused with Fibritin trimerization domain'
3 polymer 'RSB1 Fab Heavy Chain'
4 polymer 'RSB1 Fab Light Chain'
#
loop_
_entity_poly.entity_id
_entity_poly.type
_entity_poly.pdbx_seq_one_letter_code
_entity_poly.pdbx_strand_id
1 'polypeptide(L)'
;QNITEEFYQSTCSAVSKGYLSALRTGWYTSVITIELSNIKENKCNGTDAKVKLIKQELDKYKNAVTELQLLMQSTPATNN
RA
;
A
2 'polypeptide(L)'
;FLGFLLGVGSAIASGVAVCKVLHLEGEVNKIKSALLSTNKAVVSLSNGVSVLTFKVLDLKNYIDKQLLPILNKQSCSISN
IETVIEFQQKNNRLLEITREFSVNAGVTTPVSTYMLTNSELLSLINDMPITNDQKKLMSNNVQIVRQQSYSIMCIIKEEV
LAYVVQLPLYGVIDTPCWKLHTSPLCTTNTKEGSNICLTRTDRGWYCDNAGSVSFFPQAETCKVQSNRVFCDTMNSLTLP
SEVNLCNVDIFNPKYDCKIMTSKTDVSSSVITSLGAIVSCYGKTKCTASNKNRGIIKTFSNGCDYVSNKGVDTVSVGNTL
YYVNKQEGKSLYVKGEPIINFYDPLVFPSDEFDASISQVNEKINQSLAFIRKSDELLSAIGGYIPEAPRDGQAYVRKDGE
WVLLSTFLGGLVPR
;
B
3 'polypeptide(L)'
;MEFGLSWVFLVAILEGVHCQVQLVQSGAEVKKPGSSVKVSCKTSGGTYGTYSINWVRQAPGQGLEWMGAIIPIFGKTNYA
QKFQGRVTITADASTSTAYMELGSLTSEDTAMYYCARVEDTALDHYFDYWGQGALVTVSSASTKGPSVFPLAPSSKSTSG
GTAALGCLVKDYFPEPVTVSWNSGALTSGVHTFPAVLQSSGLYSLSSVVTVPSSSLGTQTYICNVNHKPSNTKVDKRVEP
KSCDKGSENLYFQGGWSHPQFEKGGGSGGGSGGGSWSHPQFEK
;
H
4 'polypeptide(L)'
;METPAELLFLLLLWLPDTTGQSALTQPRSVSGSPGQSVTISCTGTSGDVGTYNYVSWYQQLPGKAPKLMIYDVTRRPSGV
PDRFSGSKSGNTASLTISGLQADDEADYYCCSYAGTLTWVFGGGTKLTVLGQPKAAPSVTLFPPSSEELQANKATLVCLI
SDFYPGAVTVAWKADSSPVKAGVETTTPSKQSNNKYAASSYLSLTPEQWKSHRSYSCQVTHEGSTVEKTVAPTECS
;
L
#
# COMPACT_ATOMS: atom_id res chain seq x y z
N GLN A 1 -56.25 -11.54 8.33
CA GLN A 1 -55.92 -10.86 9.57
C GLN A 1 -54.44 -10.48 9.59
N ASN A 2 -53.75 -10.89 10.65
CA ASN A 2 -52.29 -10.82 10.82
C ASN A 2 -51.80 -9.38 11.02
N ILE A 3 -52.69 -8.40 10.87
CA ILE A 3 -52.39 -7.03 11.31
C ILE A 3 -53.65 -6.46 11.97
N THR A 4 -53.66 -6.42 13.30
CA THR A 4 -54.73 -5.77 14.05
C THR A 4 -54.18 -4.52 14.73
N GLU A 5 -55.06 -3.56 14.96
CA GLU A 5 -54.67 -2.32 15.62
C GLU A 5 -55.75 -1.92 16.62
N GLU A 6 -55.31 -1.38 17.76
CA GLU A 6 -56.20 -0.90 18.80
C GLU A 6 -55.96 0.58 19.02
N PHE A 7 -57.02 1.31 19.35
CA PHE A 7 -56.93 2.71 19.75
C PHE A 7 -57.45 2.83 21.18
N TYR A 8 -56.60 3.33 22.07
CA TYR A 8 -56.94 3.45 23.49
C TYR A 8 -57.36 4.90 23.73
N GLN A 9 -58.68 5.13 23.69
CA GLN A 9 -59.21 6.45 23.94
C GLN A 9 -58.87 6.95 25.33
N SER A 10 -58.63 6.03 26.27
CA SER A 10 -58.27 6.41 27.63
C SER A 10 -57.02 7.29 27.65
N THR A 11 -55.94 6.80 27.03
CA THR A 11 -54.66 7.48 27.07
C THR A 11 -54.32 8.21 25.77
N CYS A 12 -55.24 8.24 24.80
CA CYS A 12 -55.00 8.86 23.50
C CYS A 12 -53.75 8.27 22.84
N SER A 13 -53.81 6.97 22.56
CA SER A 13 -52.67 6.25 22.02
C SER A 13 -53.17 5.01 21.30
N ALA A 14 -52.44 4.63 20.24
CA ALA A 14 -52.76 3.48 19.44
C ALA A 14 -51.62 2.47 19.47
N VAL A 15 -51.96 1.20 19.31
CA VAL A 15 -50.99 0.11 19.34
C VAL A 15 -51.26 -0.78 18.13
N SER A 16 -50.22 -1.06 17.35
CA SER A 16 -50.33 -1.85 16.12
C SER A 16 -49.71 -3.23 16.38
N LYS A 17 -50.56 -4.18 16.75
CA LYS A 17 -50.11 -5.54 17.02
C LYS A 17 -50.05 -6.35 15.73
N GLY A 18 -49.41 -7.51 15.82
CA GLY A 18 -49.36 -8.45 14.71
C GLY A 18 -48.10 -8.45 13.89
N TYR A 19 -47.06 -7.72 14.30
CA TYR A 19 -45.82 -7.62 13.54
C TYR A 19 -44.80 -8.63 14.07
N LEU A 20 -44.14 -9.33 13.14
CA LEU A 20 -43.04 -10.21 13.50
C LEU A 20 -41.74 -9.40 13.59
N SER A 21 -40.63 -10.09 13.85
CA SER A 21 -39.38 -9.41 14.18
C SER A 21 -38.22 -9.90 13.33
N ALA A 22 -37.22 -9.02 13.21
CA ALA A 22 -35.88 -9.38 12.78
C ALA A 22 -34.94 -8.35 13.43
N LEU A 23 -34.40 -8.70 14.59
CA LEU A 23 -33.60 -7.79 15.38
C LEU A 23 -32.12 -8.03 15.13
N ARG A 24 -31.40 -6.96 14.79
CA ARG A 24 -29.94 -7.04 14.64
C ARG A 24 -29.31 -7.25 16.01
N THR A 25 -28.75 -8.44 16.22
CA THR A 25 -28.12 -8.78 17.50
C THR A 25 -26.62 -8.49 17.48
N GLY A 26 -25.91 -9.06 16.52
CA GLY A 26 -24.47 -8.87 16.38
C GLY A 26 -24.12 -8.54 14.95
N TRP A 27 -22.99 -9.10 14.51
CA TRP A 27 -22.49 -8.87 13.16
C TRP A 27 -21.83 -10.13 12.63
N TYR A 28 -21.68 -10.18 11.31
CA TYR A 28 -20.85 -11.17 10.65
C TYR A 28 -19.97 -10.46 9.63
N THR A 29 -18.69 -10.77 9.64
CA THR A 29 -17.71 -10.14 8.76
C THR A 29 -17.16 -11.15 7.78
N SER A 30 -16.93 -10.70 6.54
CA SER A 30 -16.34 -11.53 5.49
C SER A 30 -15.42 -10.66 4.64
N VAL A 31 -14.30 -11.24 4.22
CA VAL A 31 -13.28 -10.52 3.48
C VAL A 31 -13.55 -10.68 1.99
N ILE A 32 -13.71 -9.57 1.29
CA ILE A 32 -13.91 -9.55 -0.15
C ILE A 32 -12.66 -8.99 -0.80
N THR A 33 -12.03 -9.77 -1.67
CA THR A 33 -10.74 -9.43 -2.26
C THR A 33 -10.88 -9.20 -3.76
N ILE A 34 -10.12 -8.24 -4.27
CA ILE A 34 -9.95 -8.01 -5.69
C ILE A 34 -8.47 -8.15 -6.00
N GLU A 35 -8.13 -9.07 -6.90
CA GLU A 35 -6.75 -9.34 -7.24
C GLU A 35 -6.33 -8.44 -8.40
N LEU A 36 -5.25 -7.69 -8.20
CA LEU A 36 -4.78 -6.71 -9.16
C LEU A 36 -3.36 -7.04 -9.59
N SER A 37 -3.08 -6.83 -10.88
CA SER A 37 -1.72 -6.90 -11.41
C SER A 37 -1.22 -5.48 -11.69
N ASN A 38 -0.03 -5.39 -12.27
CA ASN A 38 0.61 -4.12 -12.55
C ASN A 38 0.87 -3.97 -14.04
N ILE A 39 0.66 -2.77 -14.55
CA ILE A 39 1.03 -2.42 -15.92
C ILE A 39 2.28 -1.56 -15.78
N LYS A 40 3.44 -2.21 -15.85
CA LYS A 40 4.71 -1.57 -15.50
C LYS A 40 5.36 -0.99 -16.75
N GLU A 41 5.19 0.33 -16.92
CA GLU A 41 5.93 1.15 -17.89
C GLU A 41 5.96 0.51 -19.27
N ASN A 42 4.78 0.25 -19.82
CA ASN A 42 4.68 -0.13 -21.21
C ASN A 42 4.93 1.10 -22.08
N LYS A 43 5.83 0.95 -23.05
CA LYS A 43 6.23 2.05 -23.92
C LYS A 43 5.76 1.75 -25.33
N CYS A 44 4.92 2.63 -25.87
CA CYS A 44 4.38 2.42 -27.21
C CYS A 44 3.68 3.69 -27.67
N ASN A 45 3.62 3.87 -28.98
CA ASN A 45 3.18 5.13 -29.58
C ASN A 45 1.74 5.44 -29.19
N GLY A 46 1.43 6.73 -29.10
CA GLY A 46 0.08 7.18 -28.84
C GLY A 46 -0.54 7.88 -30.04
N THR A 47 -0.05 7.55 -31.23
CA THR A 47 -0.54 8.20 -32.45
C THR A 47 -1.89 7.63 -32.88
N ASP A 48 -2.01 6.30 -32.91
CA ASP A 48 -3.25 5.67 -33.34
C ASP A 48 -4.36 5.94 -32.32
N ALA A 49 -5.58 6.05 -32.83
CA ALA A 49 -6.71 6.38 -31.96
C ALA A 49 -7.03 5.23 -31.00
N LYS A 50 -6.97 4.00 -31.49
CA LYS A 50 -7.28 2.84 -30.65
C LYS A 50 -6.26 2.69 -29.53
N VAL A 51 -4.98 2.80 -29.86
CA VAL A 51 -3.94 2.70 -28.84
C VAL A 51 -4.02 3.87 -27.87
N LYS A 52 -4.41 5.05 -28.36
CA LYS A 52 -4.60 6.21 -27.48
C LYS A 52 -5.72 5.96 -26.50
N LEU A 53 -6.80 5.31 -26.95
CA LEU A 53 -7.88 4.93 -26.05
C LEU A 53 -7.40 3.91 -25.01
N ILE A 54 -6.62 2.93 -25.45
CA ILE A 54 -6.05 1.95 -24.52
C ILE A 54 -5.23 2.65 -23.45
N LYS A 55 -4.42 3.64 -23.84
CA LYS A 55 -3.61 4.37 -22.87
C LYS A 55 -4.51 5.17 -21.92
N GLN A 56 -5.57 5.77 -22.45
CA GLN A 56 -6.52 6.48 -21.59
C GLN A 56 -7.11 5.54 -20.54
N GLU A 57 -7.28 4.26 -20.86
CA GLU A 57 -7.80 3.34 -19.85
C GLU A 57 -6.71 2.84 -18.91
N LEU A 58 -5.49 2.63 -19.43
CA LEU A 58 -4.38 2.18 -18.58
C LEU A 58 -4.07 3.20 -17.51
N ASP A 59 -4.10 4.49 -17.86
CA ASP A 59 -3.85 5.54 -16.88
C ASP A 59 -4.94 5.56 -15.82
N LYS A 60 -6.19 5.33 -16.21
CA LYS A 60 -7.26 5.24 -15.24
C LYS A 60 -7.02 4.10 -14.25
N TYR A 61 -6.61 2.93 -14.76
CA TYR A 61 -6.36 1.78 -13.89
C TYR A 61 -5.23 2.08 -12.91
N LYS A 62 -4.12 2.62 -13.41
CA LYS A 62 -2.98 2.90 -12.54
C LYS A 62 -3.33 3.96 -11.50
N ASN A 63 -4.03 5.02 -11.90
CA ASN A 63 -4.42 6.05 -10.96
C ASN A 63 -5.40 5.52 -9.91
N ALA A 64 -6.29 4.62 -10.31
CA ALA A 64 -7.20 4.01 -9.36
C ALA A 64 -6.44 3.21 -8.31
N VAL A 65 -5.48 2.40 -8.74
CA VAL A 65 -4.67 1.64 -7.79
C VAL A 65 -3.92 2.58 -6.84
N THR A 66 -3.27 3.60 -7.41
CA THR A 66 -2.48 4.52 -6.58
C THR A 66 -3.37 5.27 -5.60
N GLU A 67 -4.57 5.65 -6.01
CA GLU A 67 -5.47 6.38 -5.13
C GLU A 67 -6.00 5.48 -4.02
N LEU A 68 -6.31 4.23 -4.34
CA LEU A 68 -6.65 3.26 -3.29
C LEU A 68 -5.53 3.15 -2.28
N GLN A 69 -4.28 3.11 -2.74
CA GLN A 69 -3.16 3.07 -1.81
C GLN A 69 -3.07 4.34 -0.98
N LEU A 70 -3.38 5.49 -1.59
CA LEU A 70 -3.25 6.76 -0.89
C LEU A 70 -4.29 6.89 0.21
N LEU A 71 -5.54 6.58 -0.08
CA LEU A 71 -6.60 6.72 0.93
C LEU A 71 -6.44 5.60 1.96
N MET A 72 -5.80 5.92 3.08
CA MET A 72 -5.55 4.93 4.13
C MET A 72 -5.34 5.63 5.47
N PHE B 1 -39.49 10.43 22.24
CA PHE B 1 -38.99 11.63 22.91
C PHE B 1 -37.88 11.28 23.90
N LEU B 2 -37.66 9.98 24.10
CA LEU B 2 -36.60 9.48 24.97
C LEU B 2 -35.30 9.25 24.23
N GLY B 3 -35.11 9.89 23.07
CA GLY B 3 -33.99 9.57 22.21
C GLY B 3 -32.63 9.81 22.85
N PHE B 4 -32.56 10.72 23.80
CA PHE B 4 -31.29 11.04 24.46
C PHE B 4 -31.00 10.14 25.65
N LEU B 5 -31.83 9.11 25.89
CA LEU B 5 -31.59 8.17 26.97
C LEU B 5 -30.73 6.98 26.54
N LEU B 6 -30.23 6.99 25.32
CA LEU B 6 -29.51 5.83 24.77
C LEU B 6 -28.01 5.95 25.03
N GLY B 7 -27.38 4.77 25.18
CA GLY B 7 -25.93 4.72 25.27
C GLY B 7 -25.28 4.63 23.90
N VAL B 8 -24.03 5.05 23.84
CA VAL B 8 -23.29 5.12 22.58
C VAL B 8 -22.49 3.85 22.39
N GLY B 9 -22.21 3.52 21.13
CA GLY B 9 -21.42 2.36 20.78
C GLY B 9 -20.74 2.55 19.45
N SER B 10 -19.92 1.58 19.08
CA SER B 10 -19.19 1.59 17.83
C SER B 10 -19.88 0.66 16.83
N ALA B 11 -20.05 1.14 15.59
CA ALA B 11 -20.82 0.41 14.61
C ALA B 11 -19.99 -0.50 13.73
N ILE B 12 -18.69 -0.24 13.58
CA ILE B 12 -17.84 -0.98 12.65
C ILE B 12 -16.66 -1.66 13.33
N ALA B 13 -16.56 -1.60 14.66
CA ALA B 13 -15.40 -2.15 15.35
C ALA B 13 -15.20 -3.63 15.06
N SER B 14 -16.29 -4.37 14.88
CA SER B 14 -16.18 -5.80 14.56
C SER B 14 -15.50 -6.03 13.23
N GLY B 15 -15.49 -5.05 12.33
CA GLY B 15 -14.79 -5.16 11.07
C GLY B 15 -13.39 -4.60 11.15
N VAL B 16 -13.20 -3.56 11.97
CA VAL B 16 -11.87 -3.00 12.18
C VAL B 16 -10.97 -4.03 12.85
N ALA B 17 -11.55 -4.91 13.67
CA ALA B 17 -10.77 -5.99 14.25
C ALA B 17 -10.23 -6.92 13.16
N VAL B 18 -11.09 -7.31 12.22
CA VAL B 18 -10.66 -8.17 11.12
C VAL B 18 -9.63 -7.46 10.26
N CYS B 19 -9.76 -6.14 10.11
CA CYS B 19 -8.75 -5.39 9.36
C CYS B 19 -7.40 -5.37 10.06
N LYS B 20 -7.41 -5.10 11.38
CA LYS B 20 -6.17 -5.16 12.14
C LYS B 20 -5.53 -6.54 12.07
N VAL B 21 -6.35 -7.59 11.98
CA VAL B 21 -5.81 -8.93 11.81
C VAL B 21 -5.21 -9.08 10.41
N LEU B 22 -5.92 -8.57 9.39
CA LEU B 22 -5.44 -8.66 8.01
C LEU B 22 -4.14 -7.89 7.80
N HIS B 23 -3.86 -6.90 8.65
CA HIS B 23 -2.60 -6.16 8.51
C HIS B 23 -1.39 -6.94 9.00
N LEU B 24 -1.55 -8.18 9.44
CA LEU B 24 -0.40 -8.96 9.89
C LEU B 24 0.46 -9.37 8.69
N GLU B 25 1.66 -9.84 8.99
CA GLU B 25 2.69 -9.98 7.96
C GLU B 25 2.36 -11.08 6.96
N GLY B 26 1.97 -12.26 7.45
CA GLY B 26 1.68 -13.37 6.57
C GLY B 26 0.20 -13.63 6.38
N GLU B 27 -0.61 -12.58 6.52
CA GLU B 27 -2.06 -12.75 6.51
C GLU B 27 -2.62 -12.81 5.09
N VAL B 28 -2.37 -11.77 4.30
CA VAL B 28 -2.95 -11.68 2.96
C VAL B 28 -2.45 -12.82 2.07
N ASN B 29 -1.23 -13.31 2.34
CA ASN B 29 -0.70 -14.43 1.56
C ASN B 29 -1.54 -15.70 1.78
N LYS B 30 -1.98 -15.93 3.02
CA LYS B 30 -2.84 -17.08 3.29
C LYS B 30 -4.13 -16.99 2.49
N ILE B 31 -4.76 -15.82 2.48
CA ILE B 31 -6.02 -15.64 1.76
C ILE B 31 -5.81 -15.81 0.26
N LYS B 32 -4.71 -15.27 -0.26
CA LYS B 32 -4.43 -15.41 -1.69
C LYS B 32 -4.19 -16.87 -2.06
N SER B 33 -3.43 -17.60 -1.24
CA SER B 33 -3.22 -19.02 -1.50
C SER B 33 -4.51 -19.81 -1.39
N ALA B 34 -5.42 -19.40 -0.50
CA ALA B 34 -6.71 -20.09 -0.39
C ALA B 34 -7.56 -19.85 -1.63
N LEU B 35 -7.64 -18.60 -2.08
CA LEU B 35 -8.44 -18.27 -3.26
C LEU B 35 -7.74 -18.61 -4.57
N LEU B 36 -6.50 -19.09 -4.53
CA LEU B 36 -5.82 -19.50 -5.75
C LEU B 36 -6.56 -20.60 -6.51
N SER B 37 -7.50 -21.29 -5.86
CA SER B 37 -8.25 -22.37 -6.48
C SER B 37 -9.66 -21.95 -6.90
N THR B 38 -10.46 -21.44 -5.97
CA THR B 38 -11.83 -21.05 -6.23
C THR B 38 -12.00 -19.55 -5.99
N ASN B 39 -13.25 -19.08 -6.07
CA ASN B 39 -13.54 -17.68 -5.82
C ASN B 39 -13.83 -17.40 -4.36
N LYS B 40 -14.32 -18.39 -3.60
CA LYS B 40 -14.70 -18.21 -2.22
C LYS B 40 -14.16 -19.37 -1.40
N ALA B 41 -13.79 -19.08 -0.15
CA ALA B 41 -13.22 -20.09 0.74
C ALA B 41 -13.43 -19.67 2.18
N VAL B 42 -13.20 -20.62 3.08
CA VAL B 42 -13.17 -20.37 4.51
C VAL B 42 -11.72 -20.26 4.94
N VAL B 43 -11.38 -19.18 5.65
CA VAL B 43 -10.00 -18.89 5.99
C VAL B 43 -9.90 -18.72 7.51
N SER B 44 -9.05 -19.53 8.14
CA SER B 44 -8.76 -19.39 9.56
C SER B 44 -7.60 -18.42 9.72
N LEU B 45 -7.90 -17.20 10.18
CA LEU B 45 -6.86 -16.19 10.35
C LEU B 45 -5.92 -16.58 11.50
N SER B 46 -4.86 -15.79 11.65
CA SER B 46 -3.85 -16.07 12.67
C SER B 46 -4.33 -15.78 14.08
N ASN B 47 -5.59 -15.38 14.25
CA ASN B 47 -6.17 -15.15 15.57
C ASN B 47 -7.27 -16.15 15.92
N GLY B 48 -7.37 -17.25 15.16
CA GLY B 48 -8.38 -18.25 15.40
C GLY B 48 -9.73 -17.95 14.76
N VAL B 49 -10.03 -16.68 14.48
CA VAL B 49 -11.32 -16.32 13.91
C VAL B 49 -11.41 -16.84 12.47
N SER B 50 -12.45 -17.59 12.17
CA SER B 50 -12.69 -18.07 10.82
C SER B 50 -13.57 -17.08 10.07
N VAL B 51 -13.14 -16.72 8.86
CA VAL B 51 -13.85 -15.74 8.05
C VAL B 51 -14.15 -16.34 6.68
N LEU B 52 -15.14 -15.74 6.01
CA LEU B 52 -15.44 -16.06 4.63
C LEU B 52 -14.64 -15.11 3.74
N THR B 53 -14.01 -15.66 2.71
CA THR B 53 -13.15 -14.90 1.82
C THR B 53 -13.64 -15.07 0.39
N PHE B 54 -14.07 -13.97 -0.22
CA PHE B 54 -14.65 -13.98 -1.56
C PHE B 54 -13.75 -13.16 -2.49
N LYS B 55 -13.36 -13.76 -3.61
CA LYS B 55 -12.61 -13.07 -4.64
C LYS B 55 -13.59 -12.72 -5.76
N VAL B 56 -14.06 -11.46 -5.76
CA VAL B 56 -15.11 -11.06 -6.68
C VAL B 56 -14.59 -10.68 -8.05
N LEU B 57 -13.31 -10.30 -8.16
CA LEU B 57 -12.77 -9.82 -9.42
C LEU B 57 -11.28 -10.14 -9.48
N ASP B 58 -10.87 -10.84 -10.52
CA ASP B 58 -9.47 -11.23 -10.72
C ASP B 58 -8.93 -10.51 -11.94
N LEU B 59 -8.22 -9.41 -11.72
CA LEU B 59 -7.62 -8.66 -12.81
C LEU B 59 -6.24 -9.19 -13.18
N LYS B 60 -5.48 -9.66 -12.19
CA LYS B 60 -4.19 -10.28 -12.49
C LYS B 60 -4.36 -11.44 -13.47
N ASN B 61 -5.36 -12.28 -13.24
CA ASN B 61 -5.65 -13.37 -14.16
C ASN B 61 -6.07 -12.87 -15.54
N TYR B 62 -6.58 -11.65 -15.62
CA TYR B 62 -6.88 -11.03 -16.91
C TYR B 62 -5.69 -10.26 -17.46
N ILE B 63 -5.03 -9.46 -16.61
CA ILE B 63 -3.92 -8.63 -17.07
C ILE B 63 -2.78 -9.50 -17.59
N ASP B 64 -2.25 -10.37 -16.73
CA ASP B 64 -1.05 -11.14 -17.06
C ASP B 64 -1.32 -12.28 -18.03
N LYS B 65 -2.55 -12.48 -18.49
CA LYS B 65 -2.85 -13.62 -19.35
C LYS B 65 -3.52 -13.23 -20.66
N GLN B 66 -4.27 -12.13 -20.69
CA GLN B 66 -5.04 -11.77 -21.88
C GLN B 66 -4.73 -10.38 -22.41
N LEU B 67 -4.57 -9.39 -21.54
CA LEU B 67 -4.36 -8.02 -22.00
C LEU B 67 -2.87 -7.72 -22.21
N LEU B 68 -2.08 -7.88 -21.15
CA LEU B 68 -0.65 -7.62 -21.29
C LEU B 68 0.05 -8.54 -22.29
N PRO B 69 -0.35 -9.80 -22.50
CA PRO B 69 0.25 -10.57 -23.61
C PRO B 69 -0.16 -10.07 -24.99
N ILE B 70 -0.90 -8.97 -25.04
CA ILE B 70 -1.27 -8.30 -26.29
C ILE B 70 -0.58 -6.95 -26.42
N LEU B 71 -0.65 -6.13 -25.36
CA LEU B 71 0.06 -4.86 -25.36
C LEU B 71 1.57 -5.06 -25.37
N ASN B 72 2.07 -6.02 -24.60
CA ASN B 72 3.49 -6.29 -24.46
C ASN B 72 3.94 -7.44 -25.36
N LYS B 73 3.06 -7.95 -26.22
CA LYS B 73 3.46 -8.95 -27.21
C LYS B 73 4.60 -8.42 -28.07
N GLN B 74 4.28 -7.54 -29.02
CA GLN B 74 5.21 -6.62 -29.67
C GLN B 74 4.38 -5.70 -30.54
N SER B 75 4.94 -4.55 -30.96
CA SER B 75 4.26 -3.71 -31.96
C SER B 75 2.88 -3.29 -31.46
N CYS B 76 2.89 -2.38 -30.47
CA CYS B 76 1.73 -1.99 -29.67
C CYS B 76 0.42 -1.84 -30.45
N SER B 77 0.51 -1.53 -31.74
CA SER B 77 -0.67 -1.36 -32.56
C SER B 77 -1.59 -2.57 -32.45
N ILE B 78 -2.77 -2.37 -31.87
CA ILE B 78 -3.76 -3.42 -31.72
C ILE B 78 -4.60 -3.49 -32.99
N SER B 79 -5.00 -4.71 -33.36
CA SER B 79 -5.76 -4.89 -34.59
C SER B 79 -7.23 -4.52 -34.39
N ASN B 80 -7.86 -5.04 -33.34
CA ASN B 80 -9.29 -4.87 -33.12
C ASN B 80 -9.54 -3.94 -31.95
N ILE B 81 -10.69 -3.27 -31.98
CA ILE B 81 -11.10 -2.37 -30.90
C ILE B 81 -11.74 -3.10 -29.74
N GLU B 82 -11.94 -4.42 -29.85
CA GLU B 82 -12.61 -5.17 -28.79
C GLU B 82 -11.83 -5.14 -27.49
N THR B 83 -10.51 -4.98 -27.57
CA THR B 83 -9.69 -4.94 -26.36
C THR B 83 -10.02 -3.74 -25.50
N VAL B 84 -10.34 -2.61 -26.13
CA VAL B 84 -10.67 -1.39 -25.39
C VAL B 84 -11.92 -1.62 -24.55
N ILE B 85 -12.95 -2.25 -25.13
CA ILE B 85 -14.17 -2.49 -24.39
C ILE B 85 -13.97 -3.59 -23.36
N GLU B 86 -13.18 -4.61 -23.69
CA GLU B 86 -12.91 -5.69 -22.73
C GLU B 86 -12.13 -5.19 -21.53
N PHE B 87 -11.36 -4.11 -21.70
CA PHE B 87 -10.67 -3.53 -20.55
C PHE B 87 -11.47 -2.43 -19.86
N GLN B 88 -12.39 -1.78 -20.57
CA GLN B 88 -13.34 -0.89 -19.88
C GLN B 88 -14.23 -1.69 -18.94
N GLN B 89 -14.74 -2.83 -19.42
CA GLN B 89 -15.25 -3.83 -18.51
C GLN B 89 -14.10 -4.45 -17.74
N LYS B 90 -14.41 -5.03 -16.58
CA LYS B 90 -13.47 -5.60 -15.61
C LYS B 90 -12.63 -4.51 -14.95
N ASN B 91 -12.77 -3.25 -15.37
CA ASN B 91 -12.12 -2.11 -14.73
C ASN B 91 -13.11 -1.06 -14.27
N ASN B 92 -14.30 -1.00 -14.88
CA ASN B 92 -15.34 -0.09 -14.41
C ASN B 92 -15.64 -0.32 -12.93
N ARG B 93 -15.65 -1.58 -12.49
CA ARG B 93 -16.00 -1.86 -11.10
C ARG B 93 -14.90 -1.39 -10.15
N LEU B 94 -13.64 -1.60 -10.51
CA LEU B 94 -12.55 -1.07 -9.69
C LEU B 94 -12.58 0.44 -9.63
N LEU B 95 -12.84 1.09 -10.78
CA LEU B 95 -12.94 2.55 -10.79
C LEU B 95 -14.09 3.03 -9.92
N GLU B 96 -15.21 2.32 -9.94
CA GLU B 96 -16.35 2.71 -9.12
C GLU B 96 -16.06 2.51 -7.64
N ILE B 97 -15.35 1.43 -7.29
CA ILE B 97 -14.98 1.21 -5.90
C ILE B 97 -14.05 2.32 -5.42
N THR B 98 -13.09 2.71 -6.26
CA THR B 98 -12.20 3.83 -5.90
C THR B 98 -12.99 5.12 -5.73
N ARG B 99 -13.90 5.40 -6.67
CA ARG B 99 -14.71 6.62 -6.59
C ARG B 99 -15.61 6.63 -5.37
N GLU B 100 -16.08 5.46 -4.94
CA GLU B 100 -16.94 5.38 -3.76
C GLU B 100 -16.12 5.59 -2.48
N PHE B 101 -14.98 4.89 -2.38
CA PHE B 101 -14.16 5.01 -1.17
C PHE B 101 -13.46 6.36 -1.08
N SER B 102 -13.36 7.10 -2.19
CA SER B 102 -12.76 8.44 -2.11
C SER B 102 -13.67 9.40 -1.37
N VAL B 103 -14.97 9.36 -1.63
CA VAL B 103 -15.90 10.31 -1.04
C VAL B 103 -16.51 9.83 0.28
N ASN B 104 -16.36 8.56 0.61
CA ASN B 104 -16.95 8.00 1.83
C ASN B 104 -15.93 7.78 2.94
N ALA B 105 -14.64 7.86 2.64
CA ALA B 105 -13.57 7.77 3.63
C ALA B 105 -13.62 6.44 4.40
N GLY B 106 -13.44 5.35 3.66
CA GLY B 106 -13.23 4.03 4.23
C GLY B 106 -14.45 3.18 4.54
N VAL B 107 -15.53 3.79 5.02
CA VAL B 107 -16.71 3.05 5.44
C VAL B 107 -17.95 3.65 4.77
N THR B 108 -18.65 2.84 4.00
CA THR B 108 -19.92 3.22 3.39
C THR B 108 -21.04 2.45 4.10
N THR B 109 -22.00 3.18 4.65
CA THR B 109 -23.01 2.52 5.50
C THR B 109 -24.01 1.66 4.72
N PRO B 110 -24.44 2.03 3.48
CA PRO B 110 -25.09 1.03 2.64
C PRO B 110 -24.11 0.35 1.70
N VAL B 111 -24.05 -0.98 1.71
CA VAL B 111 -23.15 -1.69 0.82
C VAL B 111 -23.71 -1.58 -0.60
N SER B 112 -23.03 -0.79 -1.44
CA SER B 112 -23.50 -0.55 -2.80
C SER B 112 -23.37 -1.80 -3.66
N THR B 113 -24.01 -1.76 -4.83
CA THR B 113 -23.92 -2.87 -5.77
C THR B 113 -22.52 -3.02 -6.34
N TYR B 114 -21.71 -1.96 -6.32
CA TYR B 114 -20.34 -2.07 -6.77
C TYR B 114 -19.45 -2.72 -5.72
N MET B 115 -19.70 -2.42 -4.44
CA MET B 115 -18.97 -3.09 -3.37
C MET B 115 -19.31 -4.58 -3.34
N LEU B 116 -20.58 -4.91 -3.54
CA LEU B 116 -21.04 -6.30 -3.45
C LEU B 116 -22.27 -6.42 -4.34
N THR B 117 -22.13 -7.09 -5.48
CA THR B 117 -23.26 -7.26 -6.38
C THR B 117 -24.33 -8.12 -5.73
N ASN B 118 -25.54 -8.05 -6.29
CA ASN B 118 -26.68 -8.72 -5.67
C ASN B 118 -26.51 -10.24 -5.67
N SER B 119 -26.05 -10.81 -6.78
CA SER B 119 -25.81 -12.25 -6.82
C SER B 119 -24.71 -12.65 -5.84
N GLU B 120 -23.66 -11.83 -5.74
CA GLU B 120 -22.58 -12.11 -4.80
C GLU B 120 -23.09 -12.05 -3.36
N LEU B 121 -23.94 -11.07 -3.06
CA LEU B 121 -24.50 -10.98 -1.71
C LEU B 121 -25.42 -12.16 -1.41
N LEU B 122 -26.20 -12.61 -2.39
CA LEU B 122 -27.06 -13.76 -2.18
C LEU B 122 -26.24 -15.02 -1.94
N SER B 123 -25.15 -15.19 -2.69
CA SER B 123 -24.27 -16.34 -2.45
C SER B 123 -23.63 -16.25 -1.07
N LEU B 124 -23.20 -15.06 -0.67
CA LEU B 124 -22.61 -14.87 0.66
C LEU B 124 -23.62 -15.22 1.75
N ILE B 125 -24.88 -14.83 1.57
CA ILE B 125 -25.92 -15.21 2.53
C ILE B 125 -26.11 -16.71 2.54
N ASN B 126 -26.12 -17.34 1.36
CA ASN B 126 -26.33 -18.77 1.28
C ASN B 126 -25.19 -19.56 1.94
N ASP B 127 -23.99 -19.00 1.97
CA ASP B 127 -22.82 -19.67 2.54
C ASP B 127 -22.39 -19.05 3.86
N MET B 128 -23.35 -18.66 4.70
CA MET B 128 -23.08 -18.06 6.00
C MET B 128 -23.44 -19.02 7.13
N PRO B 129 -22.82 -18.85 8.31
CA PRO B 129 -23.16 -19.68 9.49
C PRO B 129 -24.49 -19.27 10.12
N ILE B 130 -25.55 -19.32 9.33
CA ILE B 130 -26.90 -18.97 9.78
C ILE B 130 -27.86 -20.07 9.36
N THR B 131 -29.05 -20.04 9.94
CA THR B 131 -30.05 -21.05 9.67
C THR B 131 -30.70 -20.82 8.31
N ASN B 132 -31.54 -21.78 7.90
CA ASN B 132 -32.25 -21.64 6.63
C ASN B 132 -33.26 -20.51 6.68
N ASP B 133 -33.90 -20.31 7.84
CA ASP B 133 -34.87 -19.22 7.97
C ASP B 133 -34.21 -17.87 7.81
N GLN B 134 -33.07 -17.66 8.47
CA GLN B 134 -32.36 -16.39 8.34
C GLN B 134 -31.81 -16.22 6.92
N LYS B 135 -31.35 -17.31 6.31
CA LYS B 135 -30.90 -17.26 4.92
C LYS B 135 -32.03 -16.79 4.00
N LYS B 136 -33.22 -17.36 4.17
CA LYS B 136 -34.34 -16.97 3.32
C LYS B 136 -34.77 -15.54 3.59
N LEU B 137 -34.75 -15.12 4.86
CA LEU B 137 -35.11 -13.75 5.20
C LEU B 137 -34.16 -12.76 4.53
N MET B 138 -32.86 -13.00 4.62
CA MET B 138 -31.90 -12.12 3.98
C MET B 138 -32.01 -12.18 2.46
N SER B 139 -32.25 -13.37 1.90
CA SER B 139 -32.39 -13.49 0.45
C SER B 139 -33.62 -12.72 -0.05
N ASN B 140 -34.68 -12.65 0.75
CA ASN B 140 -35.88 -11.94 0.33
C ASN B 140 -35.82 -10.45 0.63
N ASN B 141 -35.00 -10.02 1.59
CA ASN B 141 -34.89 -8.61 1.94
C ASN B 141 -33.44 -8.12 1.84
N VAL B 142 -32.73 -8.57 0.80
CA VAL B 142 -31.40 -8.09 0.45
C VAL B 142 -31.25 -6.58 0.55
N GLN B 143 -32.30 -5.83 0.23
CA GLN B 143 -32.22 -4.38 0.34
C GLN B 143 -32.01 -3.94 1.79
N ILE B 144 -32.84 -4.46 2.70
CA ILE B 144 -32.68 -4.15 4.11
C ILE B 144 -31.37 -4.70 4.63
N VAL B 145 -30.93 -5.85 4.11
CA VAL B 145 -29.63 -6.39 4.49
C VAL B 145 -28.52 -5.41 4.14
N ARG B 146 -28.61 -4.79 2.96
CA ARG B 146 -27.65 -3.76 2.58
C ARG B 146 -27.79 -2.51 3.44
N GLN B 147 -29.01 -2.21 3.90
CA GLN B 147 -29.22 -1.00 4.70
C GLN B 147 -28.47 -1.05 6.03
N GLN B 148 -28.29 -2.24 6.59
CA GLN B 148 -27.70 -2.38 7.92
C GLN B 148 -26.29 -2.97 7.89
N SER B 149 -25.69 -3.11 6.71
CA SER B 149 -24.38 -3.72 6.58
C SER B 149 -23.38 -2.67 6.10
N TYR B 150 -22.22 -2.63 6.76
CA TYR B 150 -21.15 -1.71 6.38
C TYR B 150 -20.15 -2.41 5.47
N SER B 151 -19.29 -1.61 4.84
CA SER B 151 -18.22 -2.13 3.99
C SER B 151 -16.97 -1.29 4.28
N ILE B 152 -16.04 -1.86 5.04
CA ILE B 152 -14.84 -1.17 5.49
C ILE B 152 -13.68 -1.56 4.59
N MET B 153 -13.13 -0.58 3.87
CA MET B 153 -11.89 -0.80 3.13
C MET B 153 -10.79 -1.20 4.10
N CYS B 154 -10.09 -2.30 3.78
CA CYS B 154 -9.23 -2.96 4.75
C CYS B 154 -7.75 -2.78 4.41
N ILE B 155 -7.33 -3.21 3.21
CA ILE B 155 -5.91 -3.18 2.86
C ILE B 155 -5.78 -3.34 1.35
N ILE B 156 -4.68 -2.82 0.80
CA ILE B 156 -4.31 -3.13 -0.58
C ILE B 156 -2.79 -3.34 -0.61
N LYS B 157 -2.38 -4.59 -0.74
CA LYS B 157 -0.95 -4.94 -0.74
C LYS B 157 -0.79 -6.34 -1.28
N GLU B 158 0.42 -6.63 -1.74
CA GLU B 158 0.77 -7.94 -2.29
C GLU B 158 -0.20 -8.32 -3.41
N GLU B 159 -0.55 -7.34 -4.24
CA GLU B 159 -1.42 -7.52 -5.40
C GLU B 159 -2.83 -7.98 -5.00
N VAL B 160 -3.29 -7.56 -3.82
CA VAL B 160 -4.62 -7.93 -3.33
C VAL B 160 -5.27 -6.71 -2.70
N LEU B 161 -6.43 -6.31 -3.22
CA LEU B 161 -7.25 -5.29 -2.60
C LEU B 161 -8.29 -5.95 -1.71
N ALA B 162 -8.36 -5.51 -0.45
CA ALA B 162 -9.21 -6.16 0.54
C ALA B 162 -10.18 -5.16 1.17
N TYR B 163 -11.40 -5.61 1.42
CA TYR B 163 -12.34 -4.85 2.22
C TYR B 163 -13.32 -5.82 2.86
N VAL B 164 -13.63 -5.57 4.13
CA VAL B 164 -14.49 -6.45 4.92
C VAL B 164 -15.91 -5.91 4.85
N VAL B 165 -16.84 -6.75 4.39
CA VAL B 165 -18.25 -6.42 4.35
C VAL B 165 -18.89 -7.01 5.61
N GLN B 166 -19.31 -6.13 6.51
CA GLN B 166 -19.82 -6.51 7.83
C GLN B 166 -21.35 -6.46 7.76
N LEU B 167 -21.97 -7.63 7.91
CA LEU B 167 -23.39 -7.81 7.67
C LEU B 167 -24.16 -7.97 8.99
N PRO B 168 -25.46 -7.66 8.99
CA PRO B 168 -26.28 -7.92 10.18
C PRO B 168 -26.61 -9.39 10.30
N LEU B 169 -26.82 -9.83 11.55
CA LEU B 169 -27.01 -11.23 11.87
C LEU B 169 -28.48 -11.63 12.04
N TYR B 170 -29.30 -10.74 12.59
CA TYR B 170 -30.72 -11.03 12.84
C TYR B 170 -30.88 -12.24 13.76
N GLY B 171 -30.40 -12.09 15.00
CA GLY B 171 -30.53 -13.16 15.96
C GLY B 171 -31.98 -13.43 16.36
N VAL B 172 -32.69 -12.37 16.75
CA VAL B 172 -34.10 -12.48 17.10
C VAL B 172 -34.93 -12.43 15.83
N ILE B 173 -35.75 -13.46 15.62
CA ILE B 173 -36.55 -13.58 14.41
C ILE B 173 -37.90 -14.18 14.76
N ASP B 174 -38.97 -13.58 14.25
CA ASP B 174 -40.35 -14.06 14.33
C ASP B 174 -40.96 -13.92 15.73
N THR B 175 -40.31 -13.21 16.64
CA THR B 175 -40.96 -12.88 17.91
C THR B 175 -41.87 -11.67 17.71
N PRO B 176 -43.13 -11.74 18.13
CA PRO B 176 -44.09 -10.69 17.75
C PRO B 176 -43.70 -9.33 18.31
N CYS B 177 -43.89 -8.30 17.48
CA CYS B 177 -43.62 -6.92 17.83
C CYS B 177 -44.89 -6.09 17.74
N TRP B 178 -44.82 -4.86 18.23
CA TRP B 178 -45.93 -3.92 18.14
C TRP B 178 -45.40 -2.50 18.19
N LYS B 179 -46.05 -1.63 17.43
CA LYS B 179 -45.68 -0.21 17.37
C LYS B 179 -46.65 0.60 18.23
N LEU B 180 -46.09 1.53 19.00
CA LEU B 180 -46.86 2.37 19.92
C LEU B 180 -46.86 3.80 19.41
N HIS B 181 -48.03 4.29 19.03
CA HIS B 181 -48.23 5.67 18.61
C HIS B 181 -48.77 6.49 19.77
N THR B 182 -48.45 7.78 19.77
CA THR B 182 -48.87 8.67 20.83
C THR B 182 -49.34 10.00 20.25
N SER B 183 -50.26 10.64 20.97
CA SER B 183 -50.81 11.94 20.59
C SER B 183 -51.19 12.68 21.85
N PRO B 184 -51.11 14.01 21.87
CA PRO B 184 -51.39 14.75 23.10
C PRO B 184 -52.87 14.69 23.48
N LEU B 185 -53.12 14.49 24.77
CA LEU B 185 -54.47 14.40 25.33
C LEU B 185 -54.69 15.59 26.24
N CYS B 186 -55.54 16.52 25.81
CA CYS B 186 -55.83 17.73 26.54
C CYS B 186 -57.31 17.83 26.88
N THR B 187 -57.61 18.56 27.95
CA THR B 187 -59.00 18.82 28.30
C THR B 187 -59.63 19.76 27.28
N THR B 188 -60.95 19.72 27.21
CA THR B 188 -61.73 20.55 26.29
C THR B 188 -62.56 21.60 27.03
N ASN B 189 -61.98 22.18 28.08
CA ASN B 189 -62.66 23.22 28.83
C ASN B 189 -62.83 24.47 27.97
N THR B 190 -63.87 25.25 28.28
CA THR B 190 -64.23 26.39 27.46
C THR B 190 -63.31 27.59 27.63
N LYS B 191 -62.39 27.55 28.59
CA LYS B 191 -61.49 28.68 28.81
C LYS B 191 -60.46 28.77 27.69
N GLU B 192 -60.03 30.01 27.42
CA GLU B 192 -58.98 30.21 26.42
C GLU B 192 -57.63 29.77 26.93
N GLY B 193 -57.38 29.91 28.22
CA GLY B 193 -56.15 29.44 28.83
C GLY B 193 -56.40 28.43 29.92
N SER B 194 -55.37 28.11 30.70
CA SER B 194 -55.46 27.14 31.80
C SER B 194 -55.96 25.79 31.30
N ASN B 195 -55.47 25.37 30.14
CA ASN B 195 -55.81 24.09 29.54
C ASN B 195 -54.59 23.18 29.62
N ILE B 196 -54.77 22.03 30.28
CA ILE B 196 -53.66 21.11 30.55
C ILE B 196 -53.61 20.05 29.45
N CYS B 197 -52.41 19.52 29.23
CA CYS B 197 -52.18 18.53 28.19
C CYS B 197 -51.29 17.42 28.72
N LEU B 198 -51.71 16.17 28.48
CA LEU B 198 -50.91 15.00 28.83
C LEU B 198 -50.61 14.22 27.56
N THR B 199 -49.40 13.67 27.49
CA THR B 199 -48.98 12.87 26.35
C THR B 199 -48.21 11.66 26.85
N ARG B 200 -48.10 10.65 26.01
CA ARG B 200 -47.25 9.49 26.30
C ARG B 200 -45.96 9.64 25.50
N THR B 201 -44.82 9.41 26.16
CA THR B 201 -43.52 9.60 25.55
C THR B 201 -42.85 8.29 25.17
N ASP B 202 -43.50 7.15 25.40
CA ASP B 202 -42.92 5.85 25.10
C ASP B 202 -43.23 5.37 23.69
N ARG B 203 -43.48 6.30 22.76
CA ARG B 203 -43.79 5.93 21.39
C ARG B 203 -42.60 5.23 20.74
N GLY B 204 -42.89 4.39 19.75
CA GLY B 204 -41.84 3.70 19.03
C GLY B 204 -42.16 2.24 18.72
N TRP B 205 -41.16 1.38 18.80
CA TRP B 205 -41.32 -0.04 18.53
C TRP B 205 -41.05 -0.85 19.78
N TYR B 206 -41.70 -2.00 19.89
CA TYR B 206 -41.48 -2.93 21.00
C TYR B 206 -41.44 -4.34 20.45
N CYS B 207 -40.46 -5.12 20.91
CA CYS B 207 -40.30 -6.49 20.43
C CYS B 207 -39.96 -7.43 21.58
N ASP B 208 -40.51 -8.63 21.53
CA ASP B 208 -40.16 -9.66 22.50
C ASP B 208 -38.73 -10.12 22.27
N ASN B 209 -37.92 -10.10 23.34
CA ASN B 209 -36.50 -10.42 23.21
C ASN B 209 -36.03 -11.03 24.52
N ALA B 210 -35.87 -12.35 24.54
CA ALA B 210 -35.34 -13.09 25.70
C ALA B 210 -36.11 -12.77 26.97
N GLY B 211 -37.45 -12.84 26.87
CA GLY B 211 -38.32 -12.54 27.98
C GLY B 211 -38.49 -11.07 28.29
N SER B 212 -37.60 -10.21 27.82
CA SER B 212 -37.71 -8.78 28.02
C SER B 212 -38.30 -8.12 26.77
N VAL B 213 -38.36 -6.80 26.78
CA VAL B 213 -38.86 -6.02 25.66
C VAL B 213 -37.74 -5.14 25.15
N SER B 214 -37.39 -5.32 23.88
CA SER B 214 -36.48 -4.41 23.18
C SER B 214 -37.33 -3.28 22.62
N PHE B 215 -37.13 -2.08 23.14
CA PHE B 215 -37.93 -0.91 22.76
C PHE B 215 -37.05 0.06 21.98
N PHE B 216 -37.51 0.44 20.80
CA PHE B 216 -36.78 1.32 19.90
C PHE B 216 -37.51 2.66 19.82
N PRO B 217 -36.96 3.73 20.40
CA PRO B 217 -37.59 5.05 20.27
C PRO B 217 -37.27 5.71 18.94
N GLN B 218 -36.05 5.48 18.43
CA GLN B 218 -35.61 6.07 17.18
C GLN B 218 -36.07 5.16 16.04
N ALA B 219 -37.08 5.62 15.30
CA ALA B 219 -37.69 4.81 14.25
C ALA B 219 -36.76 4.53 13.08
N GLU B 220 -35.62 5.23 12.98
CA GLU B 220 -34.69 4.97 11.89
C GLU B 220 -34.09 3.57 11.98
N THR B 221 -33.90 3.07 13.19
CA THR B 221 -33.26 1.76 13.37
C THR B 221 -34.12 0.60 12.87
N CYS B 222 -35.40 0.84 12.56
CA CYS B 222 -36.33 -0.22 12.19
C CYS B 222 -36.90 0.04 10.81
N LYS B 223 -36.52 -0.78 9.84
CA LYS B 223 -37.20 -0.85 8.56
C LYS B 223 -38.39 -1.80 8.65
N VAL B 224 -39.38 -1.59 7.79
CA VAL B 224 -40.63 -2.35 7.86
C VAL B 224 -40.95 -2.90 6.47
N GLN B 225 -41.04 -4.22 6.37
CA GLN B 225 -41.58 -4.89 5.20
C GLN B 225 -43.08 -5.12 5.41
N SER B 226 -43.68 -5.99 4.60
CA SER B 226 -45.12 -6.30 4.70
C SER B 226 -45.56 -6.51 6.15
N ASN B 227 -44.94 -7.47 6.84
CA ASN B 227 -45.19 -7.68 8.26
C ASN B 227 -43.90 -7.90 9.06
N ARG B 228 -42.74 -7.86 8.41
CA ARG B 228 -41.47 -8.02 9.11
C ARG B 228 -40.96 -6.67 9.58
N VAL B 229 -40.36 -6.66 10.76
CA VAL B 229 -39.86 -5.43 11.38
C VAL B 229 -38.37 -5.63 11.66
N PHE B 230 -37.52 -5.16 10.74
CA PHE B 230 -36.09 -5.20 10.94
C PHE B 230 -35.69 -4.07 11.88
N CYS B 231 -34.86 -4.37 12.87
CA CYS B 231 -34.42 -3.37 13.83
C CYS B 231 -32.96 -3.58 14.17
N ASP B 232 -32.38 -2.60 14.86
CA ASP B 232 -30.98 -2.59 15.24
C ASP B 232 -30.90 -2.34 16.73
N THR B 233 -30.52 -3.38 17.49
CA THR B 233 -30.52 -3.29 18.95
C THR B 233 -29.38 -2.45 19.51
N MET B 234 -28.53 -1.87 18.65
CA MET B 234 -27.48 -1.00 19.15
C MET B 234 -28.03 0.32 19.68
N ASN B 235 -29.21 0.73 19.24
CA ASN B 235 -29.88 1.93 19.69
C ASN B 235 -31.22 1.60 20.32
N SER B 236 -31.26 0.55 21.15
CA SER B 236 -32.48 0.06 21.75
C SER B 236 -32.37 0.05 23.27
N LEU B 237 -33.47 0.35 23.93
CA LEU B 237 -33.56 0.19 25.38
C LEU B 237 -34.15 -1.17 25.70
N THR B 238 -33.79 -1.68 26.88
CA THR B 238 -34.26 -2.98 27.34
C THR B 238 -35.13 -2.80 28.57
N LEU B 239 -36.42 -3.12 28.44
CA LEU B 239 -37.40 -2.93 29.49
C LEU B 239 -37.97 -4.27 29.91
N PRO B 240 -38.58 -4.33 31.10
CA PRO B 240 -39.37 -5.53 31.44
C PRO B 240 -40.60 -5.63 30.57
N SER B 241 -41.10 -6.86 30.42
CA SER B 241 -42.27 -7.08 29.57
C SER B 241 -43.49 -6.34 30.10
N GLU B 242 -43.53 -6.06 31.41
CA GLU B 242 -44.67 -5.38 32.01
C GLU B 242 -44.89 -3.98 31.47
N VAL B 243 -43.94 -3.43 30.70
CA VAL B 243 -44.16 -2.14 30.04
C VAL B 243 -45.34 -2.24 29.09
N ASN B 244 -45.61 -3.43 28.54
CA ASN B 244 -46.77 -3.61 27.68
C ASN B 244 -48.06 -3.32 28.43
N LEU B 245 -48.06 -3.51 29.75
CA LEU B 245 -49.23 -3.16 30.57
C LEU B 245 -49.64 -1.71 30.36
N CYS B 246 -48.67 -0.83 30.08
CA CYS B 246 -48.96 0.58 29.83
C CYS B 246 -49.92 0.80 28.68
N ASN B 247 -50.23 -0.23 27.90
CA ASN B 247 -51.24 -0.11 26.85
C ASN B 247 -52.64 -0.36 27.38
N VAL B 248 -52.81 -1.33 28.28
CA VAL B 248 -54.14 -1.76 28.68
C VAL B 248 -54.56 -1.12 30.00
N ASP B 249 -53.59 -0.88 30.88
CA ASP B 249 -53.89 -0.31 32.20
C ASP B 249 -52.71 0.56 32.61
N ILE B 250 -52.81 1.87 32.36
CA ILE B 250 -51.70 2.78 32.59
C ILE B 250 -51.45 3.06 34.07
N PHE B 251 -52.41 2.73 34.95
CA PHE B 251 -52.26 2.91 36.39
C PHE B 251 -51.96 1.59 37.11
N ASN B 252 -51.27 0.67 36.44
CA ASN B 252 -50.92 -0.59 37.05
C ASN B 252 -49.80 -0.41 38.08
N PRO B 253 -49.70 -1.32 39.05
CA PRO B 253 -48.61 -1.22 40.03
C PRO B 253 -47.31 -1.84 39.58
N LYS B 254 -47.27 -2.51 38.42
CA LYS B 254 -46.07 -3.23 38.01
C LYS B 254 -45.05 -2.31 37.37
N TYR B 255 -45.42 -1.67 36.25
CA TYR B 255 -44.52 -0.81 35.51
C TYR B 255 -45.00 0.64 35.61
N ASP B 256 -44.07 1.54 35.95
CA ASP B 256 -44.36 2.97 36.00
C ASP B 256 -44.24 3.54 34.60
N CYS B 257 -45.37 3.85 33.98
CA CYS B 257 -45.38 4.32 32.60
C CYS B 257 -44.85 5.75 32.51
N LYS B 258 -44.26 6.06 31.36
CA LYS B 258 -43.63 7.36 31.12
C LYS B 258 -44.59 8.26 30.36
N ILE B 259 -44.81 9.47 30.88
CA ILE B 259 -45.73 10.44 30.29
C ILE B 259 -45.02 11.79 30.19
N MET B 260 -45.77 12.78 29.73
CA MET B 260 -45.27 14.14 29.52
C MET B 260 -46.39 15.12 29.79
N THR B 261 -46.08 16.16 30.56
CA THR B 261 -47.03 17.21 30.90
C THR B 261 -46.73 18.46 30.09
N SER B 262 -47.78 19.17 29.69
CA SER B 262 -47.62 20.40 28.90
C SER B 262 -48.88 21.24 29.06
N LYS B 263 -48.81 22.45 28.49
CA LYS B 263 -49.91 23.41 28.55
C LYS B 263 -50.08 24.08 27.19
N THR B 264 -50.04 23.29 26.12
CA THR B 264 -50.02 23.80 24.75
C THR B 264 -51.32 23.41 24.06
N ASP B 265 -52.10 24.41 23.67
CA ASP B 265 -53.41 24.19 23.04
C ASP B 265 -53.29 24.20 21.52
N VAL B 266 -52.48 23.27 21.00
CA VAL B 266 -52.24 23.14 19.57
C VAL B 266 -52.68 21.75 19.11
N SER B 267 -53.45 21.72 18.03
CA SER B 267 -53.96 20.47 17.48
C SER B 267 -52.88 19.75 16.68
N SER B 268 -53.01 18.43 16.60
CA SER B 268 -52.02 17.62 15.89
C SER B 268 -52.70 16.40 15.28
N SER B 269 -51.99 15.76 14.36
CA SER B 269 -52.45 14.54 13.71
C SER B 269 -51.31 13.53 13.69
N VAL B 270 -51.60 12.31 14.14
CA VAL B 270 -50.61 11.24 14.24
C VAL B 270 -51.11 10.09 13.37
N ILE B 271 -50.46 9.89 12.23
CA ILE B 271 -50.81 8.79 11.34
C ILE B 271 -50.29 7.49 11.93
N THR B 272 -51.16 6.49 12.00
CA THR B 272 -50.82 5.19 12.56
C THR B 272 -50.78 4.14 11.46
N SER B 273 -50.61 2.89 11.85
CA SER B 273 -50.45 1.81 10.88
C SER B 273 -51.70 1.65 10.01
N LEU B 274 -52.87 1.53 10.64
CA LEU B 274 -54.11 1.27 9.93
C LEU B 274 -55.16 2.32 10.28
N GLY B 275 -54.74 3.57 10.47
CA GLY B 275 -55.66 4.62 10.80
C GLY B 275 -55.01 5.97 11.06
N ALA B 276 -55.63 6.78 11.91
CA ALA B 276 -55.12 8.11 12.21
C ALA B 276 -55.74 8.61 13.50
N ILE B 277 -54.88 9.12 14.40
CA ILE B 277 -55.31 9.83 15.60
C ILE B 277 -55.31 11.31 15.31
N VAL B 278 -56.34 12.01 15.78
CA VAL B 278 -56.46 13.45 15.59
C VAL B 278 -56.75 14.08 16.94
N SER B 279 -55.82 14.90 17.43
CA SER B 279 -56.01 15.70 18.64
C SER B 279 -56.44 17.09 18.18
N CYS B 280 -57.75 17.33 18.20
CA CYS B 280 -58.34 18.56 17.66
C CYS B 280 -58.70 19.47 18.83
N TYR B 281 -57.99 20.60 18.93
CA TYR B 281 -58.15 21.52 20.04
C TYR B 281 -58.28 22.94 19.53
N GLY B 282 -59.03 23.76 20.28
CA GLY B 282 -59.21 25.14 19.89
C GLY B 282 -60.12 25.28 18.68
N LYS B 283 -59.81 26.27 17.84
CA LYS B 283 -60.56 26.54 16.62
C LYS B 283 -59.93 25.88 15.40
N THR B 284 -59.04 24.92 15.60
CA THR B 284 -58.36 24.26 14.49
C THR B 284 -59.33 23.37 13.73
N LYS B 285 -59.26 23.43 12.41
CA LYS B 285 -60.10 22.59 11.56
C LYS B 285 -59.52 21.18 11.46
N CYS B 286 -60.40 20.18 11.57
CA CYS B 286 -60.00 18.79 11.53
C CYS B 286 -61.02 18.04 10.67
N THR B 287 -60.58 17.53 9.52
CA THR B 287 -61.48 16.97 8.52
C THR B 287 -60.94 15.65 8.02
N ALA B 288 -61.71 14.58 8.21
CA ALA B 288 -61.40 13.27 7.61
C ALA B 288 -62.17 13.16 6.30
N SER B 289 -61.44 12.97 5.21
CA SER B 289 -61.95 13.04 3.85
C SER B 289 -61.68 11.75 3.09
N ASN B 290 -62.39 11.61 1.97
CA ASN B 290 -62.32 10.44 1.11
C ASN B 290 -62.16 10.92 -0.33
N LYS B 291 -61.61 10.05 -1.18
CA LYS B 291 -61.37 10.43 -2.57
C LYS B 291 -62.67 10.50 -3.37
N ASN B 292 -63.70 9.76 -2.96
CA ASN B 292 -64.97 9.73 -3.66
C ASN B 292 -66.04 10.57 -2.99
N ARG B 293 -66.25 10.37 -1.69
CA ARG B 293 -67.35 11.01 -0.97
C ARG B 293 -66.95 12.33 -0.32
N GLY B 294 -65.92 12.99 -0.84
CA GLY B 294 -65.50 14.28 -0.31
C GLY B 294 -65.06 14.22 1.14
N ILE B 295 -65.87 14.79 2.03
CA ILE B 295 -65.60 14.81 3.46
C ILE B 295 -66.52 13.80 4.13
N ILE B 296 -65.96 12.98 5.02
CA ILE B 296 -66.75 11.99 5.74
C ILE B 296 -66.81 12.24 7.24
N LYS B 297 -65.94 13.09 7.80
CA LYS B 297 -66.02 13.35 9.24
C LYS B 297 -65.41 14.70 9.57
N THR B 298 -65.99 15.36 10.56
CA THR B 298 -65.40 16.54 11.18
C THR B 298 -65.20 16.24 12.66
N PHE B 299 -63.96 16.36 13.13
CA PHE B 299 -63.60 15.87 14.45
C PHE B 299 -64.07 16.82 15.54
N SER B 300 -64.75 16.26 16.53
CA SER B 300 -65.08 17.03 17.73
C SER B 300 -63.82 17.28 18.55
N ASN B 301 -63.85 18.35 19.34
CA ASN B 301 -62.67 18.72 20.12
C ASN B 301 -62.33 17.63 21.13
N GLY B 302 -61.08 17.17 21.08
CA GLY B 302 -60.60 16.07 21.88
C GLY B 302 -59.67 15.21 21.04
N CYS B 303 -59.34 14.05 21.57
CA CYS B 303 -58.48 13.09 20.88
C CYS B 303 -59.34 11.97 20.32
N ASP B 304 -59.50 11.93 19.01
CA ASP B 304 -60.33 10.94 18.34
C ASP B 304 -59.48 10.11 17.38
N TYR B 305 -60.11 9.08 16.81
CA TYR B 305 -59.43 8.14 15.94
C TYR B 305 -60.33 7.76 14.77
N VAL B 306 -59.71 7.51 13.63
CA VAL B 306 -60.39 7.00 12.46
C VAL B 306 -59.58 5.85 11.88
N SER B 307 -60.27 4.90 11.26
CA SER B 307 -59.65 3.75 10.63
C SER B 307 -59.41 4.01 9.15
N ASN B 308 -58.35 3.39 8.61
CA ASN B 308 -58.01 3.58 7.21
C ASN B 308 -59.04 2.96 6.26
N LYS B 309 -60.03 2.25 6.79
CA LYS B 309 -61.11 1.72 5.97
C LYS B 309 -62.06 2.85 5.59
N GLY B 310 -62.10 3.18 4.30
CA GLY B 310 -62.95 4.26 3.81
C GLY B 310 -62.36 5.65 3.93
N VAL B 311 -61.44 5.88 4.86
CA VAL B 311 -60.80 7.17 5.02
C VAL B 311 -59.57 7.23 4.12
N ASP B 312 -59.49 8.27 3.30
CA ASP B 312 -58.34 8.47 2.42
C ASP B 312 -57.50 9.69 2.78
N THR B 313 -57.94 10.52 3.73
CA THR B 313 -57.23 11.75 4.02
C THR B 313 -57.62 12.24 5.42
N VAL B 314 -56.65 12.78 6.15
CA VAL B 314 -56.89 13.51 7.38
C VAL B 314 -56.20 14.87 7.27
N SER B 315 -56.96 15.94 7.43
CA SER B 315 -56.44 17.30 7.27
C SER B 315 -56.64 18.06 8.58
N VAL B 316 -55.56 18.60 9.12
CA VAL B 316 -55.59 19.39 10.33
C VAL B 316 -54.93 20.73 10.04
N GLY B 317 -55.68 21.81 10.20
CA GLY B 317 -55.17 23.11 9.79
C GLY B 317 -54.96 23.13 8.29
N ASN B 318 -53.79 23.58 7.87
CA ASN B 318 -53.38 23.48 6.48
C ASN B 318 -52.57 22.23 6.19
N THR B 319 -52.42 21.34 7.17
CA THR B 319 -51.57 20.17 7.05
C THR B 319 -52.38 18.99 6.53
N LEU B 320 -51.94 18.40 5.43
CA LEU B 320 -52.57 17.24 4.82
C LEU B 320 -51.88 15.97 5.31
N TYR B 321 -52.63 14.86 5.33
CA TYR B 321 -52.08 13.58 5.74
C TYR B 321 -52.76 12.48 4.97
N TYR B 322 -52.01 11.80 4.10
CA TYR B 322 -52.51 10.63 3.39
C TYR B 322 -52.41 9.41 4.29
N VAL B 323 -53.54 8.76 4.56
CA VAL B 323 -53.57 7.61 5.45
C VAL B 323 -53.00 6.39 4.75
N ASN B 324 -52.39 5.50 5.53
CA ASN B 324 -51.80 4.29 4.98
C ASN B 324 -52.91 3.30 4.62
N LYS B 325 -52.94 2.89 3.35
CA LYS B 325 -54.02 2.05 2.83
C LYS B 325 -53.62 0.57 2.84
N GLN B 326 -53.31 0.08 4.05
CA GLN B 326 -53.06 -1.34 4.26
C GLN B 326 -54.22 -1.95 5.02
N GLU B 327 -54.61 -3.16 4.63
CA GLU B 327 -55.75 -3.82 5.24
C GLU B 327 -55.44 -4.22 6.68
N GLY B 328 -56.49 -4.32 7.49
CA GLY B 328 -56.36 -4.68 8.88
C GLY B 328 -57.55 -4.23 9.71
N LYS B 329 -57.86 -4.96 10.78
CA LYS B 329 -59.01 -4.65 11.63
C LYS B 329 -58.58 -3.72 12.74
N SER B 330 -59.23 -2.55 12.82
CA SER B 330 -59.00 -1.61 13.90
C SER B 330 -60.02 -1.81 15.00
N LEU B 331 -59.66 -1.38 16.21
CA LEU B 331 -60.55 -1.49 17.36
C LEU B 331 -60.46 -0.20 18.17
N TYR B 332 -61.61 0.27 18.64
CA TYR B 332 -61.72 1.52 19.39
C TYR B 332 -62.02 1.16 20.85
N VAL B 333 -60.99 1.22 21.70
CA VAL B 333 -61.15 0.95 23.12
C VAL B 333 -61.81 2.17 23.76
N LYS B 334 -63.11 2.10 24.01
CA LYS B 334 -63.81 3.20 24.63
C LYS B 334 -63.42 3.34 26.10
N GLY B 335 -63.27 4.58 26.55
CA GLY B 335 -62.86 4.85 27.91
C GLY B 335 -62.66 6.33 28.17
N GLU B 336 -62.84 6.74 29.42
CA GLU B 336 -62.69 8.15 29.76
C GLU B 336 -61.23 8.59 29.62
N PRO B 337 -60.98 9.77 29.07
CA PRO B 337 -59.60 10.26 28.96
C PRO B 337 -58.94 10.40 30.32
N ILE B 338 -57.62 10.22 30.35
CA ILE B 338 -56.87 10.27 31.59
C ILE B 338 -56.74 11.71 32.09
N ILE B 339 -56.69 12.68 31.17
CA ILE B 339 -56.47 14.07 31.56
C ILE B 339 -57.57 14.60 32.46
N ASN B 340 -58.73 13.95 32.49
CA ASN B 340 -59.83 14.34 33.36
C ASN B 340 -59.67 13.84 34.80
N PHE B 341 -58.51 13.28 35.14
CA PHE B 341 -58.26 12.81 36.50
C PHE B 341 -57.55 13.84 37.37
N TYR B 342 -56.97 14.88 36.77
CA TYR B 342 -56.15 15.84 37.50
C TYR B 342 -56.83 17.21 37.50
N ASP B 343 -56.33 18.09 38.38
CA ASP B 343 -56.81 19.46 38.53
C ASP B 343 -55.82 20.44 37.92
N PRO B 344 -56.31 21.56 37.37
CA PRO B 344 -55.39 22.48 36.65
C PRO B 344 -54.32 23.11 37.53
N LEU B 345 -54.65 23.54 38.75
CA LEU B 345 -53.68 24.24 39.58
C LEU B 345 -52.70 23.31 40.27
N VAL B 346 -52.99 22.01 40.31
CA VAL B 346 -52.08 21.04 40.90
C VAL B 346 -51.31 20.25 39.84
N PHE B 347 -51.85 20.10 38.64
CA PHE B 347 -51.16 19.38 37.57
C PHE B 347 -49.83 20.09 37.25
N PRO B 348 -48.72 19.37 37.22
CA PRO B 348 -47.43 20.01 36.91
C PRO B 348 -47.46 20.65 35.52
N SER B 349 -47.18 21.95 35.47
CA SER B 349 -47.30 22.69 34.21
C SER B 349 -46.15 22.40 33.26
N ASP B 350 -45.02 21.91 33.76
CA ASP B 350 -43.84 21.72 32.90
C ASP B 350 -42.99 20.60 33.48
N GLU B 351 -43.02 19.43 32.82
CA GLU B 351 -42.10 18.34 33.14
C GLU B 351 -42.00 17.47 31.90
N PHE B 352 -40.84 17.51 31.23
CA PHE B 352 -40.68 16.89 29.92
C PHE B 352 -40.87 15.37 29.97
N ASP B 353 -39.97 14.66 30.64
CA ASP B 353 -40.03 13.21 30.73
C ASP B 353 -40.51 12.85 32.14
N ALA B 354 -41.83 12.85 32.32
CA ALA B 354 -42.44 12.53 33.59
C ALA B 354 -42.96 11.10 33.57
N SER B 355 -43.54 10.69 34.69
CA SER B 355 -44.18 9.39 34.81
C SER B 355 -45.41 9.54 35.67
N ILE B 356 -46.22 8.47 35.74
CA ILE B 356 -47.38 8.48 36.62
C ILE B 356 -46.95 8.72 38.05
N SER B 357 -45.93 7.99 38.51
CA SER B 357 -45.46 8.13 39.88
C SER B 357 -44.83 9.50 40.11
N GLN B 358 -44.07 10.02 39.15
CA GLN B 358 -43.42 11.32 39.33
C GLN B 358 -44.44 12.46 39.32
N VAL B 359 -45.42 12.40 38.41
CA VAL B 359 -46.48 13.41 38.42
C VAL B 359 -47.28 13.34 39.71
N ASN B 360 -47.57 12.12 40.18
CA ASN B 360 -48.29 11.98 41.44
C ASN B 360 -47.46 12.50 42.61
N GLU B 361 -46.14 12.33 42.57
CA GLU B 361 -45.28 12.84 43.64
C GLU B 361 -45.24 14.35 43.65
N LYS B 362 -45.15 14.97 42.47
CA LYS B 362 -45.18 16.44 42.41
C LYS B 362 -46.54 16.97 42.84
N ILE B 363 -47.62 16.24 42.51
CA ILE B 363 -48.95 16.61 42.99
C ILE B 363 -49.00 16.53 44.51
N ASN B 364 -48.43 15.46 45.08
CA ASN B 364 -48.37 15.34 46.54
C ASN B 364 -47.63 16.51 47.16
N GLN B 365 -46.47 16.84 46.61
CA GLN B 365 -45.67 17.95 47.12
C GLN B 365 -46.46 19.25 47.09
N SER B 366 -47.05 19.58 45.94
CA SER B 366 -47.79 20.83 45.81
C SER B 366 -48.99 20.87 46.74
N LEU B 367 -49.76 19.77 46.79
CA LEU B 367 -50.96 19.74 47.63
C LEU B 367 -50.60 19.88 49.10
N ALA B 368 -49.57 19.16 49.56
CA ALA B 368 -49.18 19.26 50.96
C ALA B 368 -48.67 20.67 51.28
N PHE B 369 -47.83 21.22 50.41
CA PHE B 369 -47.29 22.55 50.66
C PHE B 369 -48.37 23.62 50.67
N ILE B 370 -49.42 23.45 49.88
CA ILE B 370 -50.50 24.43 49.86
C ILE B 370 -51.43 24.25 51.06
N ARG B 371 -51.71 22.99 51.44
CA ARG B 371 -52.64 22.75 52.52
C ARG B 371 -52.03 23.04 53.89
N LYS B 372 -50.71 22.96 54.01
CA LYS B 372 -50.07 23.25 55.29
C LYS B 372 -50.10 24.74 55.65
N SER B 373 -50.66 25.59 54.80
CA SER B 373 -50.76 27.01 55.09
C SER B 373 -52.17 27.39 55.52
N GLN C 20 15.06 7.06 -19.93
CA GLN C 20 14.11 8.14 -19.70
C GLN C 20 13.93 8.37 -18.19
N VAL C 21 13.17 7.51 -17.53
CA VAL C 21 12.96 7.60 -16.10
C VAL C 21 14.18 7.03 -15.38
N GLN C 22 14.75 7.83 -14.49
CA GLN C 22 15.93 7.42 -13.74
C GLN C 22 16.04 8.30 -12.51
N LEU C 23 17.07 8.06 -11.70
CA LEU C 23 17.27 8.80 -10.46
C LEU C 23 18.75 9.08 -10.28
N VAL C 24 19.08 10.34 -9.98
CA VAL C 24 20.47 10.70 -9.74
C VAL C 24 20.87 10.30 -8.33
N GLN C 25 22.17 10.30 -8.08
CA GLN C 25 22.71 9.85 -6.81
C GLN C 25 23.85 10.75 -6.40
N SER C 26 23.95 11.02 -5.10
CA SER C 26 24.98 11.91 -4.58
C SER C 26 26.38 11.36 -4.88
N GLY C 27 27.37 12.23 -4.73
CA GLY C 27 28.74 11.85 -4.91
C GLY C 27 29.30 11.13 -3.71
N ALA C 28 30.52 10.63 -3.88
CA ALA C 28 31.17 9.87 -2.82
C ALA C 28 31.91 10.80 -1.87
N GLU C 29 32.14 10.32 -0.65
CA GLU C 29 32.75 11.13 0.39
C GLU C 29 33.48 10.22 1.38
N VAL C 30 34.14 10.84 2.35
CA VAL C 30 34.96 10.13 3.32
C VAL C 30 34.73 10.75 4.70
N LYS C 31 34.60 9.89 5.72
CA LYS C 31 34.38 10.32 7.10
C LYS C 31 35.37 9.63 8.01
N LYS C 32 35.22 9.86 9.31
CA LYS C 32 36.07 9.29 10.35
C LYS C 32 35.25 8.39 11.27
N PRO C 33 35.81 7.29 11.76
CA PRO C 33 35.04 6.36 12.60
C PRO C 33 34.48 7.07 13.83
N GLY C 34 33.16 7.10 13.92
CA GLY C 34 32.45 7.86 14.93
C GLY C 34 31.63 9.01 14.38
N SER C 35 31.86 9.41 13.13
CA SER C 35 31.09 10.48 12.49
C SER C 35 29.90 9.87 11.76
N SER C 36 29.23 10.68 10.94
CA SER C 36 28.06 10.25 10.20
C SER C 36 28.18 10.68 8.74
N VAL C 37 27.62 9.87 7.85
CA VAL C 37 27.59 10.16 6.42
C VAL C 37 26.13 10.24 5.99
N LYS C 38 25.79 11.30 5.26
CA LYS C 38 24.43 11.52 4.78
C LYS C 38 24.45 11.45 3.26
N VAL C 39 23.75 10.47 2.70
CA VAL C 39 23.76 10.19 1.26
C VAL C 39 22.37 10.47 0.72
N SER C 40 22.31 11.29 -0.33
CA SER C 40 21.05 11.70 -0.94
C SER C 40 20.79 10.93 -2.22
N CYS C 41 19.51 10.86 -2.59
CA CYS C 41 19.09 10.13 -3.80
C CYS C 41 17.88 10.85 -4.37
N LYS C 42 18.08 11.61 -5.45
CA LYS C 42 17.01 12.34 -6.12
C LYS C 42 16.57 11.59 -7.38
N THR C 43 15.27 11.55 -7.61
CA THR C 43 14.69 10.86 -8.74
C THR C 43 14.21 11.86 -9.79
N SER C 44 14.16 11.40 -11.04
CA SER C 44 13.76 12.24 -12.17
C SER C 44 12.55 11.68 -12.92
N GLY C 45 11.92 10.64 -12.40
CA GLY C 45 10.76 10.07 -13.06
C GLY C 45 9.45 10.64 -12.58
N GLY C 46 9.21 10.63 -11.28
CA GLY C 46 8.01 11.21 -10.69
C GLY C 46 6.86 10.19 -10.61
N THR C 47 5.79 10.45 -11.37
CA THR C 47 4.60 9.62 -11.47
C THR C 47 3.77 9.62 -10.17
N TYR C 48 4.31 10.25 -9.12
CA TYR C 48 3.62 10.44 -7.84
C TYR C 48 3.17 9.13 -7.20
N GLY C 49 3.57 7.99 -7.75
CA GLY C 49 3.11 6.71 -7.27
C GLY C 49 3.67 6.38 -5.89
N THR C 50 3.19 5.25 -5.35
CA THR C 50 3.66 4.79 -4.05
C THR C 50 4.97 4.03 -4.20
N TYR C 51 5.95 4.64 -4.86
CA TYR C 51 7.26 4.05 -5.01
C TYR C 51 8.05 4.18 -3.71
N SER C 52 8.87 3.17 -3.42
CA SER C 52 9.69 3.15 -2.22
C SER C 52 11.16 3.05 -2.62
N ILE C 53 11.99 3.89 -2.02
CA ILE C 53 13.43 3.90 -2.28
C ILE C 53 14.11 2.95 -1.32
N ASN C 54 14.93 2.05 -1.87
CA ASN C 54 15.65 1.07 -1.08
C ASN C 54 17.15 1.35 -1.13
N TRP C 55 17.81 1.23 0.01
CA TRP C 55 19.25 1.45 0.12
C TRP C 55 19.96 0.10 0.24
N VAL C 56 21.03 -0.08 -0.54
CA VAL C 56 21.78 -1.32 -0.58
C VAL C 56 23.25 -1.00 -0.77
N ARG C 57 24.06 -1.23 0.27
CA ARG C 57 25.50 -0.98 0.24
C ARG C 57 26.19 -2.34 0.20
N GLN C 58 26.80 -2.67 -0.94
CA GLN C 58 27.31 -4.03 -1.04
C GLN C 58 28.51 -4.26 -0.11
N ALA C 59 29.72 -3.97 -0.61
CA ALA C 59 31.02 -4.01 0.06
C ALA C 59 32.01 -4.06 -1.10
N PRO C 60 33.32 -4.05 -0.86
CA PRO C 60 34.19 -4.81 -1.79
C PRO C 60 33.80 -6.28 -1.82
N GLY C 61 33.42 -6.85 -0.68
CA GLY C 61 33.06 -8.26 -0.63
C GLY C 61 31.82 -8.59 -1.44
N GLN C 62 31.78 -9.83 -1.92
CA GLN C 62 30.68 -10.30 -2.76
C GLN C 62 29.34 -10.19 -2.03
N GLY C 63 28.29 -9.90 -2.78
CA GLY C 63 26.95 -9.89 -2.23
C GLY C 63 26.48 -8.52 -1.75
N LEU C 64 25.31 -8.10 -2.21
CA LEU C 64 24.72 -6.88 -1.69
C LEU C 64 24.04 -7.18 -0.35
N GLU C 65 23.60 -6.12 0.31
CA GLU C 65 22.99 -6.24 1.63
C GLU C 65 21.87 -5.21 1.73
N TRP C 66 20.64 -5.67 1.80
CA TRP C 66 19.49 -4.78 1.89
C TRP C 66 19.46 -4.11 3.25
N MET C 67 19.43 -2.78 3.26
CA MET C 67 19.48 -1.99 4.49
C MET C 67 18.09 -1.54 4.95
N GLY C 68 17.39 -0.79 4.11
CA GLY C 68 16.11 -0.24 4.52
C GLY C 68 15.29 0.19 3.33
N ALA C 69 14.20 0.90 3.63
CA ALA C 69 13.27 1.35 2.61
C ALA C 69 12.49 2.53 3.15
N ILE C 70 11.96 3.33 2.23
CA ILE C 70 11.12 4.47 2.60
C ILE C 70 10.21 4.79 1.43
N ILE C 71 8.95 5.06 1.74
CA ILE C 71 7.97 5.52 0.75
C ILE C 71 7.84 7.03 0.92
N PRO C 72 8.39 7.84 0.01
CA PRO C 72 8.38 9.30 0.23
C PRO C 72 7.01 9.91 0.29
N ILE C 73 6.01 9.32 -0.38
CA ILE C 73 4.67 9.90 -0.40
C ILE C 73 4.03 9.83 0.99
N PHE C 74 4.44 8.88 1.82
CA PHE C 74 3.90 8.75 3.16
C PHE C 74 4.93 9.04 4.26
N GLY C 75 6.22 8.94 3.96
CA GLY C 75 7.23 9.00 4.99
C GLY C 75 7.40 7.71 5.76
N LYS C 76 6.76 6.63 5.32
CA LYS C 76 6.82 5.35 6.01
C LYS C 76 8.18 4.71 5.75
N THR C 77 8.81 4.21 6.82
CA THR C 77 10.13 3.60 6.74
C THR C 77 10.10 2.23 7.40
N ASN C 78 11.12 1.43 7.07
CA ASN C 78 11.34 0.15 7.73
C ASN C 78 12.78 -0.27 7.46
N TYR C 79 13.56 -0.49 8.51
CA TYR C 79 14.97 -0.81 8.41
C TYR C 79 15.20 -2.28 8.74
N ALA C 80 16.30 -2.82 8.21
CA ALA C 80 16.68 -4.19 8.53
C ALA C 80 17.16 -4.28 9.98
N GLN C 81 17.16 -5.50 10.50
CA GLN C 81 17.57 -5.72 11.88
C GLN C 81 19.07 -5.54 12.08
N LYS C 82 19.86 -5.59 11.01
CA LYS C 82 21.31 -5.46 11.15
C LYS C 82 21.71 -4.02 11.43
N PHE C 83 20.90 -3.05 11.01
CA PHE C 83 21.22 -1.63 11.17
C PHE C 83 20.18 -0.89 11.98
N GLN C 84 19.38 -1.60 12.79
CA GLN C 84 18.35 -0.94 13.59
C GLN C 84 18.99 -0.05 14.65
N GLY C 85 18.43 1.14 14.81
CA GLY C 85 18.96 2.11 15.74
C GLY C 85 20.22 2.81 15.30
N ARG C 86 20.71 2.53 14.09
CA ARG C 86 21.93 3.13 13.58
C ARG C 86 21.70 4.05 12.39
N VAL C 87 20.66 3.80 11.59
CA VAL C 87 20.40 4.55 10.38
C VAL C 87 18.99 5.16 10.46
N THR C 88 18.87 6.40 10.00
CA THR C 88 17.57 7.07 9.86
C THR C 88 17.44 7.53 8.42
N ILE C 89 16.50 6.94 7.68
CA ILE C 89 16.28 7.28 6.29
C ILE C 89 15.20 8.34 6.20
N THR C 90 15.46 9.41 5.44
CA THR C 90 14.54 10.52 5.27
C THR C 90 14.30 10.76 3.78
N ALA C 91 13.31 11.60 3.49
CA ALA C 91 12.96 11.90 2.11
C ALA C 91 12.22 13.24 2.06
N ASP C 92 12.73 14.16 1.24
CA ASP C 92 12.07 15.43 1.01
C ASP C 92 11.09 15.29 -0.15
N ALA C 93 9.80 15.53 0.13
CA ALA C 93 8.78 15.35 -0.89
C ALA C 93 8.69 16.51 -1.87
N SER C 94 9.15 17.69 -1.49
CA SER C 94 9.06 18.85 -2.39
C SER C 94 10.04 18.70 -3.56
N THR C 95 11.27 18.27 -3.28
CA THR C 95 12.29 18.11 -4.30
C THR C 95 12.40 16.67 -4.81
N SER C 96 11.54 15.77 -4.34
CA SER C 96 11.58 14.35 -4.70
C SER C 96 12.98 13.78 -4.51
N THR C 97 13.47 13.88 -3.28
CA THR C 97 14.80 13.41 -2.91
C THR C 97 14.71 12.60 -1.63
N ALA C 98 15.42 11.48 -1.60
CA ALA C 98 15.41 10.57 -0.46
C ALA C 98 16.82 10.48 0.12
N TYR C 99 17.00 10.94 1.35
CA TYR C 99 18.28 10.91 2.01
C TYR C 99 18.42 9.64 2.86
N MET C 100 19.63 9.43 3.38
CA MET C 100 19.89 8.41 4.38
C MET C 100 21.14 8.81 5.13
N GLU C 101 21.13 8.58 6.44
CA GLU C 101 22.21 9.02 7.33
C GLU C 101 22.61 7.87 8.23
N LEU C 102 23.86 7.41 8.09
CA LEU C 102 24.41 6.32 8.88
C LEU C 102 25.46 6.89 9.82
N GLY C 103 25.11 6.99 11.11
CA GLY C 103 26.04 7.47 12.11
C GLY C 103 26.82 6.35 12.77
N SER C 104 27.86 6.76 13.51
CA SER C 104 28.76 5.83 14.20
C SER C 104 29.34 4.82 13.22
N LEU C 105 30.10 5.34 12.25
CA LEU C 105 30.66 4.51 11.19
C LEU C 105 31.85 3.71 11.67
N THR C 106 32.03 2.54 11.06
CA THR C 106 33.21 1.71 11.26
C THR C 106 33.74 1.27 9.90
N SER C 107 34.99 0.82 9.89
CA SER C 107 35.58 0.35 8.65
C SER C 107 34.83 -0.86 8.09
N GLU C 108 34.06 -1.56 8.92
CA GLU C 108 33.19 -2.62 8.43
C GLU C 108 32.03 -2.07 7.62
N ASP C 109 31.68 -0.79 7.80
CA ASP C 109 30.59 -0.14 7.08
C ASP C 109 31.08 0.64 5.86
N THR C 110 32.21 0.23 5.28
CA THR C 110 32.72 0.81 4.06
C THR C 110 32.16 0.02 2.88
N ALA C 111 31.44 0.69 1.99
CA ALA C 111 30.76 0.00 0.91
C ALA C 111 30.41 1.00 -0.19
N MET C 112 29.73 0.49 -1.22
CA MET C 112 29.25 1.26 -2.37
C MET C 112 27.75 1.38 -2.22
N TYR C 113 27.30 2.49 -1.65
CA TYR C 113 25.88 2.66 -1.27
C TYR C 113 25.07 2.98 -2.53
N TYR C 114 24.31 2.00 -3.00
CA TYR C 114 23.43 2.19 -4.15
C TYR C 114 22.08 2.74 -3.69
N CYS C 115 21.21 3.01 -4.65
CA CYS C 115 19.87 3.52 -4.37
C CYS C 115 18.93 2.99 -5.44
N ALA C 116 17.93 2.21 -5.02
CA ALA C 116 17.00 1.58 -5.94
C ALA C 116 15.57 1.83 -5.50
N ARG C 117 14.65 1.73 -6.46
CA ARG C 117 13.23 1.93 -6.21
C ARG C 117 12.44 0.71 -6.66
N VAL C 118 11.20 0.65 -6.21
CA VAL C 118 10.19 -0.26 -6.76
C VAL C 118 9.04 0.60 -7.27
N GLU C 119 8.42 0.17 -8.36
CA GLU C 119 7.42 1.00 -9.03
C GLU C 119 6.25 1.31 -8.10
N ASP C 120 5.51 0.29 -7.70
CA ASP C 120 4.36 0.45 -6.83
C ASP C 120 4.49 -0.50 -5.66
N THR C 121 4.34 0.03 -4.44
CA THR C 121 4.59 -0.77 -3.24
C THR C 121 3.63 -1.95 -3.12
N ALA C 122 2.39 -1.79 -3.61
CA ALA C 122 1.40 -2.85 -3.51
C ALA C 122 1.35 -3.75 -4.73
N LEU C 123 1.86 -3.31 -5.87
CA LEU C 123 1.81 -4.11 -7.09
C LEU C 123 3.14 -4.73 -7.47
N ASP C 124 4.26 -4.17 -7.02
CA ASP C 124 5.58 -4.67 -7.36
C ASP C 124 6.35 -5.03 -6.09
N HIS C 125 7.12 -6.11 -6.17
CA HIS C 125 7.91 -6.62 -5.05
C HIS C 125 9.32 -6.97 -5.51
N TYR C 126 9.91 -6.05 -6.27
CA TYR C 126 11.24 -6.22 -6.85
C TYR C 126 11.72 -4.87 -7.35
N PHE C 127 13.03 -4.66 -7.29
CA PHE C 127 13.62 -3.41 -7.73
C PHE C 127 13.72 -3.39 -9.25
N ASP C 128 13.34 -2.27 -9.85
CA ASP C 128 13.35 -2.11 -11.29
C ASP C 128 14.41 -1.14 -11.79
N TYR C 129 14.66 -0.05 -11.06
CA TYR C 129 15.63 0.95 -11.46
C TYR C 129 16.52 1.30 -10.27
N TRP C 130 17.78 1.58 -10.56
CA TRP C 130 18.80 1.85 -9.57
C TRP C 130 19.40 3.24 -9.80
N GLY C 131 20.39 3.57 -9.00
CA GLY C 131 21.21 4.75 -9.22
C GLY C 131 22.66 4.34 -9.40
N GLN C 132 23.49 5.24 -9.94
CA GLN C 132 24.89 4.89 -10.12
C GLN C 132 25.61 4.71 -8.79
N GLY C 133 25.14 5.36 -7.74
CA GLY C 133 25.62 5.10 -6.40
C GLY C 133 26.80 5.97 -6.00
N ALA C 134 27.00 6.09 -4.70
CA ALA C 134 28.14 6.76 -4.10
C ALA C 134 29.01 5.76 -3.36
N LEU C 135 30.15 6.25 -2.87
CA LEU C 135 31.16 5.41 -2.23
C LEU C 135 31.56 6.07 -0.91
N VAL C 136 31.40 5.34 0.19
CA VAL C 136 31.68 5.85 1.53
C VAL C 136 32.84 5.06 2.11
N THR C 137 33.96 5.73 2.30
CA THR C 137 35.12 5.17 2.99
C THR C 137 35.33 5.90 4.30
N VAL C 138 35.50 5.15 5.38
CA VAL C 138 35.65 5.71 6.71
C VAL C 138 36.88 5.07 7.34
N SER C 139 37.99 5.82 7.38
CA SER C 139 39.24 5.38 7.96
C SER C 139 39.77 6.47 8.89
N SER C 140 40.93 6.22 9.50
CA SER C 140 41.51 7.14 10.46
C SER C 140 42.54 8.08 9.86
N ALA C 141 43.29 7.65 8.85
CA ALA C 141 44.32 8.51 8.27
C ALA C 141 43.69 9.71 7.57
N SER C 142 44.45 10.79 7.51
CA SER C 142 43.94 12.04 6.96
C SER C 142 43.82 11.95 5.44
N THR C 143 42.91 12.76 4.90
CA THR C 143 42.69 12.80 3.46
C THR C 143 43.83 13.56 2.78
N LYS C 144 44.07 13.22 1.51
CA LYS C 144 45.18 13.81 0.76
C LYS C 144 44.79 13.90 -0.71
N GLY C 145 44.60 15.12 -1.21
CA GLY C 145 44.32 15.36 -2.60
C GLY C 145 45.46 14.90 -3.48
N PRO C 146 45.13 14.26 -4.61
CA PRO C 146 46.16 13.59 -5.40
C PRO C 146 47.01 14.58 -6.19
N SER C 147 48.07 14.03 -6.78
CA SER C 147 48.98 14.78 -7.64
C SER C 147 49.02 14.11 -9.00
N VAL C 148 48.84 14.89 -10.06
CA VAL C 148 48.74 14.39 -11.42
C VAL C 148 49.96 14.86 -12.22
N PHE C 149 50.46 13.98 -13.07
CA PHE C 149 51.56 14.29 -13.99
C PHE C 149 51.23 13.77 -15.38
N PRO C 150 51.57 14.52 -16.42
CA PRO C 150 51.26 14.07 -17.77
C PRO C 150 52.25 13.00 -18.25
N LEU C 151 51.85 12.31 -19.32
CA LEU C 151 52.66 11.24 -19.91
C LEU C 151 52.56 11.38 -21.44
N ALA C 152 53.61 11.91 -22.05
CA ALA C 152 53.63 12.16 -23.48
C ALA C 152 53.93 10.86 -24.25
N PRO C 153 53.37 10.72 -25.47
CA PRO C 153 53.62 9.54 -26.31
C PRO C 153 55.04 9.51 -26.87
N GLY C 161 51.78 3.07 -37.00
CA GLY C 161 50.39 2.90 -36.62
C GLY C 161 49.81 4.12 -35.91
N THR C 162 49.51 3.95 -34.63
CA THR C 162 48.96 5.01 -33.79
C THR C 162 49.85 5.23 -32.59
N ALA C 163 49.43 6.14 -31.71
CA ALA C 163 50.19 6.46 -30.51
C ALA C 163 49.33 6.31 -29.26
N ALA C 164 49.86 6.72 -28.11
CA ALA C 164 49.13 6.56 -26.84
C ALA C 164 49.66 7.56 -25.83
N LEU C 165 48.74 8.32 -25.24
CA LEU C 165 49.08 9.27 -24.18
C LEU C 165 48.01 9.19 -23.10
N GLY C 166 48.29 9.77 -21.94
CA GLY C 166 47.34 9.74 -20.86
C GLY C 166 47.84 10.51 -19.65
N CYS C 167 47.11 10.38 -18.56
CA CYS C 167 47.42 11.04 -17.30
C CYS C 167 47.57 10.01 -16.19
N LEU C 168 48.33 10.36 -15.15
CA LEU C 168 48.57 9.50 -14.01
C LEU C 168 48.20 10.22 -12.72
N VAL C 169 47.51 9.51 -11.82
CA VAL C 169 47.06 10.04 -10.55
C VAL C 169 47.57 9.12 -9.45
N LYS C 170 48.29 9.70 -8.48
CA LYS C 170 49.00 8.89 -7.49
C LYS C 170 48.97 9.56 -6.13
N ASP C 171 49.11 8.71 -5.09
CA ASP C 171 49.24 9.13 -3.70
C ASP C 171 48.08 10.01 -3.23
N TYR C 172 46.90 9.38 -3.19
CA TYR C 172 45.71 9.98 -2.61
C TYR C 172 45.12 9.02 -1.60
N PHE C 173 44.43 9.57 -0.58
CA PHE C 173 43.74 8.69 0.35
C PHE C 173 42.39 8.13 -0.09
N PRO C 174 41.51 8.89 -0.78
CA PRO C 174 40.17 8.35 -1.01
C PRO C 174 40.18 7.15 -1.94
N GLU C 175 39.00 6.66 -2.29
CA GLU C 175 38.98 5.83 -3.49
C GLU C 175 37.84 6.16 -4.46
N PRO C 176 37.33 7.41 -4.54
CA PRO C 176 36.69 7.85 -5.79
C PRO C 176 37.60 8.70 -6.66
N VAL C 177 37.93 8.24 -7.87
CA VAL C 177 38.70 9.06 -8.79
C VAL C 177 38.16 8.82 -10.20
N THR C 178 37.73 9.90 -10.85
CA THR C 178 37.12 9.82 -12.16
C THR C 178 37.98 10.55 -13.17
N VAL C 179 38.21 9.94 -14.32
CA VAL C 179 39.02 10.51 -15.40
C VAL C 179 38.10 10.85 -16.55
N SER C 180 38.33 12.03 -17.15
CA SER C 180 37.55 12.48 -18.30
C SER C 180 38.49 13.16 -19.29
N TRP C 181 38.14 13.08 -20.57
CA TRP C 181 38.97 13.62 -21.64
C TRP C 181 38.14 14.59 -22.48
N ASN C 182 38.72 15.76 -22.75
CA ASN C 182 38.07 16.83 -23.51
C ASN C 182 36.72 17.22 -22.94
N SER C 183 36.52 16.99 -21.64
CA SER C 183 35.26 17.29 -20.95
C SER C 183 34.06 16.62 -21.61
N GLY C 184 34.29 15.45 -22.21
CA GLY C 184 33.23 14.67 -22.83
C GLY C 184 33.27 14.59 -24.34
N ALA C 185 34.31 15.13 -24.99
CA ALA C 185 34.41 15.10 -26.44
C ALA C 185 35.31 13.98 -26.95
N LEU C 186 35.99 13.26 -26.06
CA LEU C 186 36.86 12.14 -26.44
C LEU C 186 36.52 10.95 -25.57
N THR C 187 35.98 9.88 -26.18
CA THR C 187 35.58 8.69 -25.45
C THR C 187 36.13 7.39 -26.03
N SER C 188 36.47 7.34 -27.31
CA SER C 188 36.95 6.10 -27.90
C SER C 188 38.42 5.87 -27.57
N GLY C 189 38.79 4.60 -27.39
CA GLY C 189 40.14 4.23 -27.05
C GLY C 189 40.57 4.52 -25.62
N VAL C 190 39.72 5.16 -24.82
CA VAL C 190 40.07 5.47 -23.44
C VAL C 190 39.98 4.20 -22.60
N HIS C 191 40.89 4.07 -21.63
CA HIS C 191 40.89 2.91 -20.75
C HIS C 191 41.55 3.30 -19.44
N THR C 192 40.79 3.26 -18.35
CA THR C 192 41.27 3.57 -17.01
C THR C 192 41.43 2.28 -16.22
N PHE C 193 42.58 2.13 -15.55
CA PHE C 193 42.90 0.93 -14.78
C PHE C 193 42.57 1.11 -13.31
N PRO C 194 42.20 0.03 -12.62
CA PRO C 194 41.97 0.12 -11.17
C PRO C 194 43.23 0.51 -10.43
N ALA C 195 43.05 0.90 -9.18
CA ALA C 195 44.14 1.47 -8.39
C ALA C 195 45.04 0.38 -7.83
N VAL C 196 46.30 0.75 -7.57
CA VAL C 196 47.24 -0.09 -6.88
C VAL C 196 47.25 0.32 -5.41
N LEU C 197 47.83 -0.53 -4.57
CA LEU C 197 47.95 -0.24 -3.13
C LEU C 197 49.43 -0.11 -2.80
N GLN C 198 49.92 1.13 -2.83
CA GLN C 198 51.29 1.40 -2.42
C GLN C 198 51.48 1.05 -0.95
N SER C 199 52.71 0.69 -0.59
CA SER C 199 53.00 0.30 0.79
C SER C 199 52.81 1.44 1.77
N SER C 200 52.69 2.68 1.30
CA SER C 200 52.45 3.83 2.15
C SER C 200 50.97 3.97 2.53
N GLY C 201 50.15 2.96 2.25
CA GLY C 201 48.73 3.03 2.54
C GLY C 201 47.92 3.81 1.52
N LEU C 202 48.54 4.41 0.52
CA LEU C 202 47.87 5.21 -0.48
C LEU C 202 47.73 4.44 -1.79
N TYR C 203 46.76 4.85 -2.59
CA TYR C 203 46.51 4.24 -3.88
C TYR C 203 47.24 5.01 -4.99
N SER C 204 47.00 4.61 -6.24
CA SER C 204 47.54 5.26 -7.41
C SER C 204 46.76 4.75 -8.63
N LEU C 205 46.40 5.67 -9.53
CA LEU C 205 45.54 5.35 -10.66
C LEU C 205 46.20 5.85 -11.95
N SER C 206 45.79 5.22 -13.07
CA SER C 206 46.30 5.58 -14.38
C SER C 206 45.19 5.45 -15.41
N SER C 207 45.36 6.14 -16.53
CA SER C 207 44.41 6.09 -17.63
C SER C 207 45.16 6.30 -18.94
N VAL C 208 44.70 5.62 -19.99
CA VAL C 208 45.37 5.64 -21.29
C VAL C 208 44.33 5.91 -22.38
N VAL C 209 44.78 6.57 -23.45
CA VAL C 209 43.92 6.90 -24.59
C VAL C 209 44.70 6.61 -25.87
N THR C 210 44.05 5.95 -26.82
CA THR C 210 44.64 5.66 -28.13
C THR C 210 44.16 6.71 -29.13
N VAL C 211 45.12 7.34 -29.81
CA VAL C 211 44.81 8.40 -30.77
C VAL C 211 45.61 8.17 -32.04
N PRO C 212 45.14 8.68 -33.18
CA PRO C 212 45.92 8.55 -34.42
C PRO C 212 47.23 9.30 -34.35
N SER C 213 48.05 9.12 -35.39
CA SER C 213 49.40 9.66 -35.40
C SER C 213 49.40 11.16 -35.70
N SER C 214 48.81 11.56 -36.83
CA SER C 214 48.89 12.94 -37.27
C SER C 214 48.10 13.90 -36.38
N SER C 215 47.13 13.38 -35.62
CA SER C 215 46.32 14.24 -34.77
C SER C 215 47.03 14.70 -33.50
N LEU C 216 48.27 14.25 -33.27
CA LEU C 216 49.00 14.69 -32.09
C LEU C 216 49.52 16.12 -32.24
N GLY C 217 49.72 16.57 -33.48
CA GLY C 217 50.22 17.91 -33.71
C GLY C 217 49.13 18.95 -33.86
N THR C 218 47.92 18.50 -34.19
CA THR C 218 46.77 19.38 -34.40
C THR C 218 45.81 19.38 -33.22
N GLN C 219 45.41 18.21 -32.75
CA GLN C 219 44.45 18.10 -31.66
C GLN C 219 45.16 18.31 -30.32
N THR C 220 44.58 19.15 -29.48
CA THR C 220 45.09 19.39 -28.13
C THR C 220 44.37 18.45 -27.16
N TYR C 221 45.14 17.65 -26.44
CA TYR C 221 44.60 16.63 -25.56
C TYR C 221 44.76 17.06 -24.11
N ILE C 222 43.65 17.16 -23.39
CA ILE C 222 43.63 17.57 -21.99
C ILE C 222 42.88 16.51 -21.20
N CYS C 223 43.45 16.09 -20.08
CA CYS C 223 42.81 15.15 -19.18
C CYS C 223 42.16 15.89 -18.03
N ASN C 224 41.01 15.38 -17.58
CA ASN C 224 40.22 16.01 -16.53
C ASN C 224 40.04 15.01 -15.39
N VAL C 225 40.69 15.28 -14.27
CA VAL C 225 40.60 14.44 -13.08
C VAL C 225 39.83 15.24 -12.03
N ASN C 226 38.56 14.93 -11.87
CA ASN C 226 37.69 15.64 -10.93
C ASN C 226 37.65 14.86 -9.63
N HIS C 227 38.47 15.28 -8.67
CA HIS C 227 38.54 14.63 -7.37
C HIS C 227 37.32 15.02 -6.54
N LYS C 228 36.53 14.03 -6.13
CA LYS C 228 35.32 14.31 -5.38
C LYS C 228 35.58 14.59 -3.90
N PRO C 229 36.27 13.71 -3.15
CA PRO C 229 36.34 13.91 -1.69
C PRO C 229 37.19 15.10 -1.25
N SER C 230 38.11 15.59 -2.09
CA SER C 230 38.96 16.70 -1.71
C SER C 230 38.82 17.88 -2.67
N ASN C 231 37.65 18.02 -3.29
CA ASN C 231 37.26 19.20 -4.08
C ASN C 231 38.32 19.61 -5.10
N THR C 232 39.15 18.66 -5.53
CA THR C 232 40.27 18.95 -6.41
C THR C 232 39.87 18.74 -7.87
N LYS C 233 40.15 19.74 -8.70
CA LYS C 233 39.95 19.64 -10.14
C LYS C 233 41.23 20.15 -10.80
N VAL C 234 41.99 19.23 -11.41
CA VAL C 234 43.22 19.56 -12.11
C VAL C 234 43.06 19.15 -13.57
N ASP C 235 43.39 20.07 -14.47
CA ASP C 235 43.35 19.82 -15.92
C ASP C 235 44.77 19.89 -16.45
N LYS C 236 45.33 18.74 -16.79
CA LYS C 236 46.69 18.66 -17.30
C LYS C 236 46.69 18.55 -18.81
N ARG C 237 47.62 19.27 -19.44
CA ARG C 237 47.74 19.30 -20.90
C ARG C 237 48.97 18.48 -21.28
N VAL C 238 48.75 17.33 -21.89
CA VAL C 238 49.83 16.41 -22.26
C VAL C 238 50.35 16.84 -23.63
N GLU C 239 51.52 17.48 -23.65
CA GLU C 239 52.10 17.97 -24.89
C GLU C 239 52.93 16.87 -25.54
N PRO C 240 52.67 16.51 -26.80
CA PRO C 240 53.46 15.51 -27.52
C PRO C 240 54.90 15.96 -27.74
N GLN D 21 16.94 -13.08 10.31
CA GLN D 21 16.89 -12.26 9.10
C GLN D 21 18.24 -12.23 8.39
N SER D 22 18.85 -13.40 8.25
CA SER D 22 20.14 -13.54 7.58
C SER D 22 19.94 -13.72 6.08
N ALA D 23 21.03 -13.54 5.34
CA ALA D 23 20.99 -13.61 3.89
C ALA D 23 20.72 -15.04 3.42
N LEU D 24 20.47 -15.18 2.12
CA LEU D 24 20.18 -16.46 1.51
C LEU D 24 21.47 -17.19 1.15
N THR D 25 21.35 -18.49 0.93
CA THR D 25 22.50 -19.35 0.62
C THR D 25 22.47 -19.69 -0.87
N GLN D 26 23.47 -19.20 -1.61
CA GLN D 26 23.64 -19.52 -3.01
C GLN D 26 24.98 -20.22 -3.23
N PRO D 27 25.07 -21.11 -4.21
CA PRO D 27 26.37 -21.67 -4.57
C PRO D 27 27.32 -20.56 -5.00
N ARG D 28 28.56 -20.64 -4.50
CA ARG D 28 29.51 -19.56 -4.73
C ARG D 28 29.85 -19.40 -6.21
N SER D 29 29.83 -20.50 -6.97
CA SER D 29 30.15 -20.41 -8.38
C SER D 29 29.64 -21.64 -9.12
N VAL D 30 29.15 -21.42 -10.34
CA VAL D 30 28.89 -22.46 -11.31
C VAL D 30 29.45 -21.98 -12.65
N SER D 31 29.47 -22.88 -13.62
CA SER D 31 29.99 -22.52 -14.94
C SER D 31 29.50 -23.53 -15.97
N GLY D 32 29.50 -23.09 -17.22
CA GLY D 32 29.09 -23.94 -18.33
C GLY D 32 29.60 -23.44 -19.66
N SER D 33 30.03 -24.37 -20.52
CA SER D 33 30.48 -24.02 -21.86
C SER D 33 29.29 -23.67 -22.74
N PRO D 34 29.51 -22.91 -23.82
CA PRO D 34 28.41 -22.54 -24.70
C PRO D 34 27.69 -23.77 -25.25
N GLY D 35 26.37 -23.76 -25.15
CA GLY D 35 25.56 -24.90 -25.55
C GLY D 35 25.31 -25.83 -24.38
N GLN D 36 24.85 -25.28 -23.26
CA GLN D 36 24.64 -26.05 -22.04
C GLN D 36 23.70 -25.27 -21.13
N SER D 37 22.95 -26.01 -20.31
CA SER D 37 21.99 -25.42 -19.38
C SER D 37 22.58 -25.43 -17.98
N VAL D 38 22.54 -24.28 -17.31
CA VAL D 38 23.06 -24.12 -15.96
C VAL D 38 21.91 -23.67 -15.06
N THR D 39 21.80 -24.29 -13.89
CA THR D 39 20.76 -23.97 -12.92
C THR D 39 21.41 -23.49 -11.63
N ILE D 40 20.97 -22.33 -11.15
CA ILE D 40 21.50 -21.73 -9.92
C ILE D 40 20.41 -21.81 -8.85
N SER D 41 20.74 -22.43 -7.73
CA SER D 41 19.79 -22.61 -6.64
C SER D 41 19.85 -21.44 -5.67
N CYS D 42 18.71 -21.14 -5.06
CA CYS D 42 18.59 -20.09 -4.06
C CYS D 42 17.72 -20.62 -2.92
N THR D 43 18.33 -20.84 -1.76
CA THR D 43 17.65 -21.43 -0.62
C THR D 43 17.46 -20.41 0.48
N GLY D 44 16.25 -20.39 1.06
CA GLY D 44 15.93 -19.49 2.15
C GLY D 44 15.03 -20.17 3.16
N THR D 45 14.62 -19.39 4.16
CA THR D 45 13.77 -19.90 5.24
C THR D 45 12.30 -19.84 4.82
N SER D 46 11.43 -20.25 5.74
CA SER D 46 10.00 -20.30 5.44
C SER D 46 9.41 -18.91 5.25
N GLY D 47 9.96 -17.91 5.93
CA GLY D 47 9.47 -16.55 5.81
C GLY D 47 9.86 -15.89 4.50
N ASP D 48 11.13 -15.96 4.15
CA ASP D 48 11.61 -15.33 2.92
C ASP D 48 10.98 -15.98 1.69
N VAL D 49 11.28 -17.25 1.46
CA VAL D 49 10.71 -17.98 0.34
C VAL D 49 9.85 -19.12 0.87
N GLY D 50 9.21 -19.86 -0.03
CA GLY D 50 8.28 -20.90 0.39
C GLY D 50 6.91 -20.34 0.67
N THR D 51 6.85 -19.18 1.31
CA THR D 51 5.59 -18.49 1.60
C THR D 51 5.24 -17.50 0.48
N TYR D 52 6.15 -16.59 0.18
CA TYR D 52 5.93 -15.59 -0.85
C TYR D 52 6.54 -16.05 -2.17
N ASN D 53 5.72 -16.08 -3.22
CA ASN D 53 6.23 -16.32 -4.58
C ASN D 53 6.66 -15.01 -5.24
N TYR D 54 7.50 -14.26 -4.54
CA TYR D 54 8.00 -12.96 -5.01
C TYR D 54 9.53 -13.04 -4.97
N VAL D 55 10.12 -13.55 -6.04
CA VAL D 55 11.56 -13.72 -6.15
C VAL D 55 12.07 -12.87 -7.30
N SER D 56 13.34 -12.49 -7.23
CA SER D 56 13.94 -11.65 -8.26
C SER D 56 15.44 -11.91 -8.31
N TRP D 57 15.95 -12.15 -9.52
CA TRP D 57 17.37 -12.37 -9.75
C TRP D 57 17.97 -11.16 -10.44
N TYR D 58 19.16 -10.76 -9.99
CA TYR D 58 19.85 -9.60 -10.53
C TYR D 58 21.27 -9.98 -10.94
N GLN D 59 21.74 -9.36 -12.02
CA GLN D 59 23.11 -9.51 -12.48
C GLN D 59 23.86 -8.20 -12.29
N GLN D 60 25.17 -8.31 -12.05
CA GLN D 60 26.00 -7.14 -11.78
C GLN D 60 27.32 -7.28 -12.52
N LEU D 61 27.50 -6.47 -13.56
CA LEU D 61 28.82 -6.31 -14.17
C LEU D 61 29.62 -5.39 -13.27
N PRO D 62 30.72 -5.88 -12.65
CA PRO D 62 31.44 -5.07 -11.67
C PRO D 62 31.82 -3.69 -12.19
N GLY D 63 31.22 -2.66 -11.60
CA GLY D 63 31.40 -1.30 -12.05
C GLY D 63 30.11 -0.64 -12.45
N LYS D 64 28.98 -1.26 -12.13
CA LYS D 64 27.68 -0.73 -12.49
C LYS D 64 26.62 -1.34 -11.59
N ALA D 65 25.55 -0.58 -11.34
CA ALA D 65 24.44 -1.07 -10.55
C ALA D 65 23.77 -2.25 -11.25
N PRO D 66 23.11 -3.13 -10.50
CA PRO D 66 22.55 -4.34 -11.10
C PRO D 66 21.39 -4.04 -12.04
N LYS D 67 20.97 -5.10 -12.73
CA LYS D 67 19.85 -5.05 -13.67
C LYS D 67 19.23 -6.43 -13.73
N LEU D 68 17.96 -6.53 -13.37
CA LEU D 68 17.33 -7.82 -13.15
C LEU D 68 16.93 -8.49 -14.46
N MET D 69 16.74 -9.81 -14.39
CA MET D 69 16.24 -10.59 -15.51
C MET D 69 15.04 -11.47 -15.15
N ILE D 70 14.65 -11.52 -13.88
CA ILE D 70 13.46 -12.25 -13.42
C ILE D 70 12.78 -11.38 -12.38
N TYR D 71 11.52 -11.02 -12.61
CA TYR D 71 10.81 -10.09 -11.74
C TYR D 71 9.65 -10.72 -11.00
N ASP D 72 9.54 -12.05 -11.00
CA ASP D 72 8.58 -12.77 -10.17
C ASP D 72 9.11 -14.19 -10.00
N VAL D 73 8.25 -15.11 -9.57
CA VAL D 73 8.68 -16.50 -9.41
C VAL D 73 9.17 -17.07 -10.73
N THR D 74 8.41 -16.85 -11.81
CA THR D 74 8.81 -17.33 -13.14
C THR D 74 8.47 -16.30 -14.21
N ARG D 75 8.73 -15.03 -13.95
CA ARG D 75 8.42 -13.97 -14.91
C ARG D 75 9.66 -13.12 -15.16
N ARG D 76 9.93 -12.83 -16.44
CA ARG D 76 11.07 -12.04 -16.86
C ARG D 76 10.63 -10.70 -17.47
N PRO D 77 11.39 -9.63 -17.27
CA PRO D 77 10.98 -8.31 -17.76
C PRO D 77 11.10 -8.17 -19.27
N SER D 78 10.81 -6.97 -19.77
CA SER D 78 10.93 -6.69 -21.20
C SER D 78 12.39 -6.55 -21.58
N GLY D 79 12.83 -7.33 -22.56
CA GLY D 79 14.21 -7.29 -23.00
C GLY D 79 15.07 -8.33 -22.30
N VAL D 80 14.53 -9.53 -22.15
CA VAL D 80 15.26 -10.64 -21.50
C VAL D 80 15.08 -11.88 -22.36
N PRO D 81 16.16 -12.60 -22.68
CA PRO D 81 16.03 -13.75 -23.59
C PRO D 81 15.16 -14.85 -23.01
N ASP D 82 14.55 -15.62 -23.91
CA ASP D 82 13.69 -16.72 -23.51
C ASP D 82 14.46 -17.83 -22.79
N ARG D 83 15.77 -17.95 -23.04
CA ARG D 83 16.56 -18.98 -22.38
C ARG D 83 16.59 -18.82 -20.87
N PHE D 84 16.34 -17.61 -20.36
CA PHE D 84 16.22 -17.40 -18.92
C PHE D 84 14.87 -17.91 -18.45
N SER D 85 14.87 -18.86 -17.52
CA SER D 85 13.63 -19.44 -17.02
C SER D 85 13.81 -19.77 -15.54
N GLY D 86 13.01 -19.12 -14.69
CA GLY D 86 13.09 -19.34 -13.26
C GLY D 86 11.99 -20.25 -12.74
N SER D 87 12.23 -20.80 -11.57
CA SER D 87 11.26 -21.67 -10.90
C SER D 87 11.52 -21.61 -9.40
N LYS D 88 10.72 -22.37 -8.64
CA LYS D 88 10.79 -22.35 -7.19
C LYS D 88 10.01 -23.53 -6.64
N SER D 89 10.55 -24.16 -5.60
CA SER D 89 9.89 -25.33 -5.00
C SER D 89 10.36 -25.44 -3.54
N GLY D 90 9.50 -25.07 -2.61
CA GLY D 90 9.73 -25.33 -1.20
C GLY D 90 11.03 -24.81 -0.64
N ASN D 91 11.15 -23.48 -0.53
CA ASN D 91 12.31 -22.78 0.03
C ASN D 91 13.54 -22.85 -0.86
N THR D 92 13.40 -23.31 -2.11
CA THR D 92 14.51 -23.39 -3.04
C THR D 92 14.08 -22.91 -4.40
N ALA D 93 14.83 -21.95 -4.96
CA ALA D 93 14.58 -21.42 -6.29
C ALA D 93 15.56 -22.03 -7.28
N SER D 94 15.32 -21.77 -8.57
CA SER D 94 16.15 -22.34 -9.63
C SER D 94 16.12 -21.39 -10.83
N LEU D 95 17.22 -20.67 -11.03
CA LEU D 95 17.40 -19.83 -12.20
C LEU D 95 18.14 -20.63 -13.27
N THR D 96 17.48 -20.85 -14.40
CA THR D 96 18.01 -21.68 -15.47
C THR D 96 18.37 -20.81 -16.67
N ILE D 97 19.58 -20.99 -17.19
CA ILE D 97 20.04 -20.34 -18.42
C ILE D 97 20.32 -21.43 -19.45
N SER D 98 19.71 -21.30 -20.63
CA SER D 98 19.88 -22.25 -21.71
C SER D 98 20.78 -21.65 -22.78
N GLY D 99 21.63 -22.49 -23.37
CA GLY D 99 22.53 -22.03 -24.42
C GLY D 99 23.39 -20.87 -24.00
N LEU D 100 24.33 -21.11 -23.08
CA LEU D 100 25.17 -20.05 -22.54
C LEU D 100 25.91 -19.31 -23.64
N GLN D 101 26.14 -18.02 -23.41
CA GLN D 101 26.84 -17.15 -24.36
C GLN D 101 27.95 -16.42 -23.62
N ALA D 102 28.85 -15.82 -24.40
CA ALA D 102 29.93 -15.01 -23.84
C ALA D 102 29.45 -13.69 -23.28
N ASP D 103 28.15 -13.39 -23.39
CA ASP D 103 27.60 -12.14 -22.84
C ASP D 103 27.10 -12.29 -21.43
N ASP D 104 26.77 -13.51 -20.98
CA ASP D 104 26.18 -13.73 -19.66
C ASP D 104 27.29 -13.90 -18.61
N GLU D 105 28.13 -12.88 -18.50
CA GLU D 105 29.25 -12.88 -17.55
C GLU D 105 29.01 -11.78 -16.52
N ALA D 106 28.56 -12.18 -15.34
CA ALA D 106 28.31 -11.23 -14.25
C ALA D 106 28.13 -12.04 -12.96
N ASP D 107 27.92 -11.31 -11.87
CA ASP D 107 27.62 -11.91 -10.57
C ASP D 107 26.11 -11.88 -10.38
N TYR D 108 25.49 -13.06 -10.36
CA TYR D 108 24.04 -13.14 -10.21
C TYR D 108 23.64 -13.02 -8.75
N TYR D 109 22.52 -12.36 -8.51
CA TYR D 109 22.09 -12.02 -7.16
C TYR D 109 20.61 -12.37 -7.01
N CYS D 110 20.32 -13.37 -6.19
CA CYS D 110 18.95 -13.78 -5.90
C CYS D 110 18.38 -12.95 -4.75
N CYS D 111 17.15 -12.50 -4.92
CA CYS D 111 16.48 -11.68 -3.92
C CYS D 111 15.05 -12.17 -3.74
N SER D 112 14.49 -11.92 -2.55
CA SER D 112 13.16 -12.41 -2.24
C SER D 112 12.44 -11.46 -1.31
N TYR D 113 11.15 -11.25 -1.58
CA TYR D 113 10.28 -10.51 -0.66
C TYR D 113 10.16 -11.28 0.65
N ALA D 114 10.25 -10.54 1.77
CA ALA D 114 10.17 -11.14 3.09
C ALA D 114 9.05 -10.56 3.95
N GLY D 115 8.47 -9.44 3.57
CA GLY D 115 7.43 -8.81 4.36
C GLY D 115 7.28 -7.36 3.97
N THR D 116 6.57 -6.61 4.83
CA THR D 116 6.30 -5.21 4.53
C THR D 116 7.59 -4.42 4.47
N LEU D 117 8.00 -4.05 3.26
CA LEU D 117 9.23 -3.27 3.02
C LEU D 117 10.44 -3.97 3.63
N THR D 118 10.54 -5.28 3.41
CA THR D 118 11.68 -6.06 3.87
C THR D 118 12.04 -7.07 2.78
N TRP D 119 13.23 -6.93 2.21
CA TRP D 119 13.76 -7.89 1.24
C TRP D 119 15.04 -8.50 1.77
N VAL D 120 15.25 -9.78 1.47
CA VAL D 120 16.45 -10.51 1.83
C VAL D 120 17.23 -10.80 0.55
N PHE D 121 18.54 -10.71 0.62
CA PHE D 121 19.41 -10.90 -0.53
C PHE D 121 20.17 -12.22 -0.43
N GLY D 122 20.48 -12.78 -1.60
CA GLY D 122 21.29 -13.97 -1.63
C GLY D 122 22.77 -13.68 -1.56
N GLY D 123 23.54 -14.70 -1.17
CA GLY D 123 24.99 -14.57 -1.12
C GLY D 123 25.64 -14.34 -2.46
N GLY D 124 24.89 -14.47 -3.55
CA GLY D 124 25.41 -14.22 -4.88
C GLY D 124 26.14 -15.42 -5.46
N THR D 125 25.81 -15.78 -6.69
CA THR D 125 26.54 -16.82 -7.42
C THR D 125 27.40 -16.16 -8.50
N LYS D 126 28.59 -16.71 -8.70
CA LYS D 126 29.56 -16.15 -9.64
C LYS D 126 29.62 -17.07 -10.86
N LEU D 127 29.02 -16.61 -11.96
CA LEU D 127 28.91 -17.39 -13.18
C LEU D 127 29.85 -16.79 -14.22
N THR D 128 30.93 -17.51 -14.52
CA THR D 128 31.83 -17.17 -15.61
C THR D 128 32.02 -18.40 -16.48
N VAL D 129 31.76 -18.26 -17.78
CA VAL D 129 31.71 -19.42 -18.65
C VAL D 129 33.08 -20.05 -18.80
N LEU D 130 33.09 -21.36 -19.05
CA LEU D 130 34.33 -22.08 -19.26
C LEU D 130 34.88 -21.86 -20.67
N GLY D 131 33.99 -21.80 -21.66
CA GLY D 131 34.41 -21.63 -23.04
C GLY D 131 34.75 -20.20 -23.41
N GLN D 132 36.04 -19.94 -23.65
CA GLN D 132 36.53 -18.63 -24.03
C GLN D 132 37.98 -18.75 -24.50
N PRO D 133 38.37 -18.07 -25.58
CA PRO D 133 39.71 -18.25 -26.12
C PRO D 133 40.75 -17.39 -25.41
N LYS D 134 42.00 -17.86 -25.47
CA LYS D 134 43.11 -17.10 -24.91
C LYS D 134 43.43 -15.89 -25.77
N ALA D 135 43.90 -14.82 -25.13
CA ALA D 135 44.26 -13.60 -25.82
C ALA D 135 45.60 -13.10 -25.28
N ALA D 136 46.53 -12.82 -26.19
CA ALA D 136 47.84 -12.36 -25.79
C ALA D 136 47.74 -10.98 -25.13
N PRO D 137 48.48 -10.74 -24.05
CA PRO D 137 48.39 -9.45 -23.37
C PRO D 137 49.11 -8.35 -24.14
N SER D 138 48.50 -7.17 -24.16
CA SER D 138 49.07 -5.98 -24.77
C SER D 138 49.70 -5.13 -23.69
N VAL D 139 51.03 -5.08 -23.66
CA VAL D 139 51.78 -4.41 -22.61
C VAL D 139 52.28 -3.07 -23.12
N THR D 140 52.33 -2.09 -22.22
CA THR D 140 52.83 -0.76 -22.54
C THR D 140 53.52 -0.19 -21.31
N LEU D 141 54.72 0.36 -21.50
CA LEU D 141 55.54 0.88 -20.41
C LEU D 141 55.74 2.37 -20.59
N PHE D 142 55.76 3.10 -19.47
CA PHE D 142 55.88 4.55 -19.49
C PHE D 142 56.97 4.99 -18.51
N PRO D 143 57.88 5.87 -18.94
CA PRO D 143 58.88 6.40 -18.01
C PRO D 143 58.38 7.66 -17.32
N PRO D 144 58.98 8.05 -16.20
CA PRO D 144 58.57 9.28 -15.53
C PRO D 144 58.85 10.51 -16.39
N SER D 145 57.87 11.41 -16.45
CA SER D 145 57.96 12.61 -17.26
C SER D 145 58.78 13.67 -16.53
N SER D 146 58.75 14.90 -17.05
CA SER D 146 59.58 15.97 -16.48
C SER D 146 59.01 16.46 -15.16
N GLU D 147 57.69 16.61 -15.07
CA GLU D 147 57.08 17.15 -13.86
C GLU D 147 57.38 16.29 -12.63
N GLU D 148 57.47 14.97 -12.82
CA GLU D 148 57.76 14.10 -11.68
C GLU D 148 59.23 14.18 -11.29
N LEU D 149 60.13 14.29 -12.26
CA LEU D 149 61.55 14.44 -11.94
C LEU D 149 61.84 15.79 -11.31
N GLN D 150 61.05 16.81 -11.63
CA GLN D 150 61.20 18.13 -11.02
C GLN D 150 60.62 18.19 -9.62
N ALA D 151 60.19 17.05 -9.06
CA ALA D 151 59.68 16.99 -7.71
C ALA D 151 60.34 15.87 -6.90
N ASN D 152 61.49 15.38 -7.36
CA ASN D 152 62.25 14.31 -6.70
C ASN D 152 61.39 13.05 -6.55
N LYS D 153 60.93 12.55 -7.69
CA LYS D 153 60.11 11.35 -7.73
C LYS D 153 60.21 10.70 -9.10
N ALA D 154 60.01 9.40 -9.14
CA ALA D 154 60.05 8.64 -10.38
C ALA D 154 59.30 7.33 -10.18
N THR D 155 58.36 7.04 -11.09
CA THR D 155 57.54 5.84 -10.98
C THR D 155 57.35 5.24 -12.36
N LEU D 156 57.85 4.02 -12.56
CA LEU D 156 57.67 3.31 -13.81
C LEU D 156 56.32 2.62 -13.83
N VAL D 157 55.57 2.79 -14.92
CA VAL D 157 54.19 2.34 -15.01
C VAL D 157 54.09 1.32 -16.14
N CYS D 158 53.69 0.10 -15.80
CA CYS D 158 53.54 -0.98 -16.77
C CYS D 158 52.06 -1.39 -16.80
N LEU D 159 51.41 -1.17 -17.94
CA LEU D 159 49.98 -1.36 -18.07
C LEU D 159 49.69 -2.57 -18.95
N ILE D 160 48.99 -3.55 -18.39
CA ILE D 160 48.62 -4.77 -19.09
C ILE D 160 47.13 -4.75 -19.36
N SER D 161 46.73 -5.34 -20.48
CA SER D 161 45.31 -5.34 -20.86
C SER D 161 45.07 -6.41 -21.92
N ASP D 162 43.80 -6.81 -22.04
CA ASP D 162 43.33 -7.72 -23.09
C ASP D 162 44.04 -9.08 -23.01
N PHE D 163 44.21 -9.58 -21.79
CA PHE D 163 44.69 -10.94 -21.56
C PHE D 163 43.55 -11.73 -20.93
N TYR D 164 43.10 -12.78 -21.61
CA TYR D 164 41.97 -13.49 -21.04
C TYR D 164 42.36 -14.41 -19.89
N PRO D 165 43.38 -15.25 -20.01
CA PRO D 165 43.82 -16.03 -18.83
C PRO D 165 44.19 -15.09 -17.69
N GLY D 166 43.53 -15.28 -16.54
CA GLY D 166 43.74 -14.39 -15.41
C GLY D 166 45.15 -14.38 -14.88
N ALA D 167 45.95 -15.39 -15.20
CA ALA D 167 47.30 -15.50 -14.67
C ALA D 167 48.25 -14.58 -15.43
N VAL D 168 48.78 -13.58 -14.73
CA VAL D 168 49.87 -12.75 -15.24
C VAL D 168 50.86 -12.54 -14.11
N THR D 169 52.14 -12.37 -14.49
CA THR D 169 53.21 -12.21 -13.52
C THR D 169 54.17 -11.14 -14.03
N VAL D 170 54.37 -10.09 -13.25
CA VAL D 170 55.28 -9.01 -13.58
C VAL D 170 56.58 -9.19 -12.83
N ALA D 171 57.70 -8.90 -13.49
CA ALA D 171 59.02 -9.01 -12.88
C ALA D 171 59.91 -7.95 -13.50
N TRP D 172 60.40 -7.02 -12.68
CA TRP D 172 61.20 -5.91 -13.16
C TRP D 172 62.67 -6.28 -13.21
N LYS D 173 63.33 -5.90 -14.30
CA LYS D 173 64.72 -6.23 -14.55
C LYS D 173 65.46 -4.95 -14.95
N ALA D 174 66.32 -4.45 -14.07
CA ALA D 174 67.12 -3.26 -14.34
C ALA D 174 68.43 -3.71 -15.00
N ASP D 175 68.55 -3.47 -16.31
CA ASP D 175 69.71 -3.91 -17.09
C ASP D 175 69.91 -5.42 -16.95
N SER D 176 68.82 -6.16 -17.15
CA SER D 176 68.80 -7.63 -17.02
C SER D 176 69.17 -8.08 -15.61
N SER D 177 68.91 -7.22 -14.61
CA SER D 177 69.13 -7.56 -13.21
C SER D 177 67.83 -7.32 -12.46
N PRO D 178 67.35 -8.29 -11.69
CA PRO D 178 66.03 -8.16 -11.07
C PRO D 178 66.01 -7.09 -9.98
N VAL D 179 64.94 -6.30 -9.97
CA VAL D 179 64.69 -5.29 -8.96
C VAL D 179 63.70 -5.84 -7.96
N LYS D 180 64.04 -5.77 -6.68
CA LYS D 180 63.22 -6.29 -5.59
C LYS D 180 62.96 -5.22 -4.53
N ALA D 181 62.59 -4.03 -4.99
CA ALA D 181 62.32 -2.92 -4.08
C ALA D 181 61.45 -1.90 -4.79
N GLY D 182 60.28 -1.59 -4.22
CA GLY D 182 59.42 -0.55 -4.74
C GLY D 182 58.42 -0.99 -5.78
N VAL D 183 58.35 -2.27 -6.11
CA VAL D 183 57.45 -2.76 -7.14
C VAL D 183 56.08 -3.02 -6.53
N GLU D 184 55.06 -2.38 -7.08
CA GLU D 184 53.67 -2.62 -6.73
C GLU D 184 52.95 -3.24 -7.92
N THR D 185 51.87 -3.96 -7.62
CA THR D 185 51.14 -4.68 -8.66
C THR D 185 49.66 -4.73 -8.30
N THR D 186 48.81 -4.42 -9.28
CA THR D 186 47.37 -4.47 -9.09
C THR D 186 46.89 -5.93 -9.19
N THR D 187 45.57 -6.10 -9.19
CA THR D 187 44.89 -7.37 -9.33
C THR D 187 44.17 -7.44 -10.67
N PRO D 188 44.27 -8.56 -11.40
CA PRO D 188 43.56 -8.67 -12.69
C PRO D 188 42.06 -8.45 -12.53
N SER D 189 41.56 -7.39 -13.17
CA SER D 189 40.18 -6.99 -13.08
C SER D 189 39.50 -7.11 -14.44
N LYS D 190 38.21 -7.41 -14.41
CA LYS D 190 37.44 -7.55 -15.65
C LYS D 190 37.27 -6.19 -16.32
N GLN D 191 37.21 -6.22 -17.65
CA GLN D 191 37.02 -5.03 -18.47
C GLN D 191 35.64 -5.05 -19.12
N SER D 192 35.39 -4.06 -19.99
CA SER D 192 34.15 -4.03 -20.76
C SER D 192 34.13 -5.06 -21.87
N ASN D 193 35.29 -5.53 -22.33
CA ASN D 193 35.40 -6.51 -23.40
C ASN D 193 35.55 -7.93 -22.90
N ASN D 194 35.38 -8.14 -21.59
CA ASN D 194 35.53 -9.44 -20.92
C ASN D 194 36.96 -9.96 -20.97
N LYS D 195 37.93 -9.13 -21.34
CA LYS D 195 39.34 -9.47 -21.27
C LYS D 195 40.01 -8.61 -20.21
N TYR D 196 40.71 -9.25 -19.28
CA TYR D 196 41.11 -8.62 -18.03
C TYR D 196 42.13 -7.50 -18.27
N ALA D 197 42.39 -6.75 -17.20
CA ALA D 197 43.36 -5.66 -17.19
C ALA D 197 44.27 -5.82 -15.98
N ALA D 198 45.33 -5.03 -15.95
CA ALA D 198 46.29 -5.07 -14.85
C ALA D 198 47.13 -3.80 -14.88
N SER D 199 47.90 -3.59 -13.81
CA SER D 199 48.78 -2.44 -13.70
C SER D 199 49.84 -2.74 -12.65
N SER D 200 51.02 -2.15 -12.85
CA SER D 200 52.14 -2.35 -11.93
C SER D 200 52.94 -1.06 -11.82
N TYR D 201 53.34 -0.73 -10.60
CA TYR D 201 54.07 0.50 -10.32
C TYR D 201 55.40 0.16 -9.64
N LEU D 202 56.49 0.65 -10.21
CA LEU D 202 57.81 0.56 -9.59
C LEU D 202 58.22 1.97 -9.17
N SER D 203 58.40 2.16 -7.87
CA SER D 203 58.78 3.45 -7.31
C SER D 203 60.28 3.50 -7.08
N LEU D 204 60.88 4.63 -7.45
CA LEU D 204 62.33 4.78 -7.35
C LEU D 204 62.67 6.26 -7.28
N THR D 205 63.84 6.54 -6.69
CA THR D 205 64.33 7.90 -6.54
C THR D 205 64.85 8.43 -7.88
N PRO D 206 64.93 9.75 -8.04
CA PRO D 206 65.44 10.29 -9.31
C PRO D 206 66.89 9.91 -9.60
N GLU D 207 67.71 9.75 -8.57
CA GLU D 207 69.08 9.30 -8.80
C GLU D 207 69.13 7.83 -9.15
N GLN D 208 68.20 7.03 -8.61
CA GLN D 208 68.12 5.62 -8.99
C GLN D 208 67.65 5.44 -10.43
N TRP D 209 66.99 6.45 -11.01
CA TRP D 209 66.51 6.41 -12.37
C TRP D 209 67.57 6.87 -13.37
N LYS D 210 68.23 7.99 -13.08
CA LYS D 210 69.24 8.56 -13.96
C LYS D 210 70.61 7.90 -13.81
N SER D 211 70.68 6.71 -13.20
CA SER D 211 71.94 6.02 -13.01
C SER D 211 71.95 4.64 -13.69
N HIS D 212 70.95 4.35 -14.51
CA HIS D 212 70.90 3.06 -15.21
C HIS D 212 70.78 3.30 -16.71
N ARG D 213 70.62 2.22 -17.48
CA ARG D 213 70.57 2.31 -18.93
C ARG D 213 69.25 1.83 -19.51
N SER D 214 68.74 0.68 -19.07
CA SER D 214 67.50 0.14 -19.61
C SER D 214 66.78 -0.67 -18.56
N TYR D 215 65.53 -0.33 -18.29
CA TYR D 215 64.64 -1.09 -17.43
C TYR D 215 63.73 -1.96 -18.27
N SER D 216 63.25 -3.05 -17.65
CA SER D 216 62.41 -4.02 -18.34
C SER D 216 61.20 -4.38 -17.49
N CYS D 217 60.04 -4.50 -18.14
CA CYS D 217 58.82 -5.00 -17.51
C CYS D 217 58.45 -6.30 -18.21
N GLN D 218 58.67 -7.42 -17.55
CA GLN D 218 58.40 -8.74 -18.10
C GLN D 218 57.07 -9.25 -17.55
N VAL D 219 56.10 -9.44 -18.44
CA VAL D 219 54.77 -9.92 -18.07
C VAL D 219 54.64 -11.34 -18.57
N THR D 220 54.64 -12.30 -17.64
CA THR D 220 54.51 -13.71 -17.99
C THR D 220 53.04 -14.06 -18.21
N HIS D 221 52.76 -14.69 -19.35
CA HIS D 221 51.39 -15.07 -19.71
C HIS D 221 51.42 -16.41 -20.42
N GLU D 222 51.05 -17.48 -19.69
CA GLU D 222 50.98 -18.83 -20.24
C GLU D 222 52.30 -19.24 -20.89
N GLY D 223 53.40 -18.77 -20.31
CA GLY D 223 54.72 -19.07 -20.84
C GLY D 223 55.25 -17.97 -21.74
N SER D 224 54.36 -17.38 -22.55
CA SER D 224 54.75 -16.30 -23.45
C SER D 224 55.00 -15.03 -22.64
N THR D 225 56.25 -14.58 -22.61
CA THR D 225 56.64 -13.39 -21.87
C THR D 225 56.72 -12.21 -22.82
N VAL D 226 55.96 -11.15 -22.53
CA VAL D 226 55.97 -9.92 -23.31
C VAL D 226 56.74 -8.87 -22.55
N GLU D 227 57.72 -8.25 -23.20
CA GLU D 227 58.65 -7.34 -22.56
C GLU D 227 58.54 -5.95 -23.17
N LYS D 228 58.87 -4.94 -22.36
CA LYS D 228 58.97 -3.56 -22.81
C LYS D 228 60.16 -2.91 -22.14
N THR D 229 60.88 -2.09 -22.89
CA THR D 229 62.13 -1.47 -22.43
C THR D 229 62.00 0.04 -22.42
N VAL D 230 62.55 0.67 -21.39
CA VAL D 230 62.61 2.12 -21.27
C VAL D 230 64.06 2.53 -20.97
N ALA D 231 64.32 3.82 -21.08
CA ALA D 231 65.66 4.36 -20.90
C ALA D 231 65.53 5.79 -20.39
N PRO D 232 66.58 6.33 -19.78
CA PRO D 232 66.55 7.75 -19.37
C PRO D 232 66.32 8.72 -20.52
N THR D 233 66.46 8.26 -21.76
CA THR D 233 66.17 9.10 -22.92
C THR D 233 64.70 8.98 -23.32
#